data_2QQ6
#
_entry.id   2QQ6
#
_cell.length_a   184.369
_cell.length_b   184.369
_cell.length_c   118.108
_cell.angle_alpha   90.00
_cell.angle_beta   90.00
_cell.angle_gamma   90.00
#
_symmetry.space_group_name_H-M   'I 41 2 2'
#
loop_
_entity.id
_entity.type
_entity.pdbx_description
1 polymer 'Mandelate racemase/muconate lactonizing enzyme-like protein'
2 non-polymer 'MAGNESIUM ION'
3 water water
#
_entity_poly.entity_id   1
_entity_poly.type   'polypeptide(L)'
_entity_poly.pdbx_seq_one_letter_code
;(MSE)SLSAPRITRVETAAIRAVGPSVLVRVWAGDEHGLGECYPSAPAAGIHHIV(MSE)N(MSE)EEQLLGEDPRDVER
LYEK(MSE)RRWNIFTGGQAGAVITALSGIETALWDLAGKLQGVPVYRLLGGAFRRRVRLYADCNAGTVDAAAHHIEGGL
FEEGSNEEYIAVAREAVERGFDAIKLDVDDITGPLHRDFWNGAISPREHEA(MSE)VARVAAVREAVGPEVEVAID
(MSE)HGRFDIPSSIRFARA(MSE)EPFGLLWLEEPTPPENLDALAEVRRSTSTPICAGENVYTRFDFRELFAKRAVDYV
(MSE)PDVAKCGGLAEAKRIANLAELDYIPFAPHNVSSPVGTVAAAHVCAAVSNFAVLEWHAID(MSE)PHWEDFVRYPG
GPVIREGHIELTEEPGLGLELDEEAAFEHRHEKGGVPFFGRTEGHHHHHH
;
_entity_poly.pdbx_strand_id   A,B
#
loop_
_chem_comp.id
_chem_comp.type
_chem_comp.name
_chem_comp.formula
MG non-polymer 'MAGNESIUM ION' 'Mg 2'
#
# COMPACT_ATOMS: atom_id res chain seq x y z
N SER A 4 16.34 24.45 -23.74
CA SER A 4 17.67 23.73 -23.67
C SER A 4 17.50 22.22 -23.70
N ALA A 5 16.24 21.78 -23.64
CA ALA A 5 15.86 20.36 -23.66
C ALA A 5 16.61 19.50 -22.64
N PRO A 6 16.41 19.77 -21.33
CA PRO A 6 17.06 19.03 -20.25
C PRO A 6 16.55 17.60 -20.12
N ARG A 7 17.35 16.74 -19.49
CA ARG A 7 16.93 15.36 -19.33
C ARG A 7 17.34 14.79 -17.97
N ILE A 8 16.58 13.80 -17.48
CA ILE A 8 16.88 13.17 -16.20
C ILE A 8 18.19 12.41 -16.32
N THR A 9 19.16 12.78 -15.49
CA THR A 9 20.47 12.18 -15.52
C THR A 9 20.73 11.11 -14.45
N ARG A 10 20.46 11.43 -13.20
CA ARG A 10 20.69 10.48 -12.11
C ARG A 10 19.67 10.67 -10.98
N VAL A 11 19.46 9.62 -10.21
CA VAL A 11 18.55 9.67 -9.06
C VAL A 11 19.23 9.01 -7.86
N GLU A 12 19.48 9.81 -6.83
CA GLU A 12 20.12 9.31 -5.63
C GLU A 12 19.35 9.65 -4.35
N THR A 13 19.50 8.79 -3.36
CA THR A 13 18.83 8.95 -2.07
C THR A 13 19.77 9.29 -0.91
N ALA A 14 19.20 9.27 0.29
CA ALA A 14 19.92 9.56 1.53
C ALA A 14 18.91 9.60 2.67
N ALA A 15 19.29 9.05 3.82
CA ALA A 15 18.41 8.99 4.97
C ALA A 15 18.78 9.88 6.19
N ILE A 16 18.04 10.97 6.38
CA ILE A 16 18.30 11.87 7.52
C ILE A 16 17.43 11.47 8.70
N ARG A 17 17.90 11.75 9.91
CA ARG A 17 17.14 11.44 11.11
C ARG A 17 16.30 12.65 11.52
N ALA A 18 15.00 12.54 11.28
CA ALA A 18 14.04 13.57 11.62
C ALA A 18 12.75 12.84 11.97
N VAL A 19 12.12 13.27 13.07
CA VAL A 19 10.89 12.65 13.57
C VAL A 19 10.93 11.14 13.45
N PRO A 21 12.98 9.26 10.93
CA PRO A 21 14.03 9.01 9.96
C PRO A 21 13.49 9.02 8.54
N SER A 22 13.52 10.20 7.92
CA SER A 22 13.02 10.38 6.57
C SER A 22 14.11 10.11 5.53
N VAL A 23 13.69 9.94 4.28
CA VAL A 23 14.61 9.68 3.18
C VAL A 23 14.54 10.82 2.18
N LEU A 24 15.68 11.38 1.84
CA LEU A 24 15.76 12.48 0.87
C LEU A 24 15.99 11.87 -0.50
N VAL A 25 15.41 12.48 -1.52
CA VAL A 25 15.59 11.98 -2.89
C VAL A 25 16.05 13.12 -3.77
N ARG A 26 17.15 12.92 -4.49
CA ARG A 26 17.68 13.94 -5.40
C ARG A 26 17.64 13.47 -6.84
N VAL A 27 17.09 14.33 -7.69
CA VAL A 27 16.94 14.04 -9.11
C VAL A 27 17.72 15.05 -9.93
N TRP A 28 18.70 14.55 -10.66
CA TRP A 28 19.57 15.37 -11.48
C TRP A 28 19.29 15.39 -12.98
N ALA A 29 19.28 16.61 -13.53
CA ALA A 29 19.08 16.83 -14.96
C ALA A 29 20.40 17.43 -15.45
N GLY A 30 21.47 16.64 -15.34
CA GLY A 30 22.76 17.15 -15.75
C GLY A 30 23.42 17.76 -14.53
N ASP A 31 23.66 19.08 -14.56
CA ASP A 31 24.27 19.77 -13.41
C ASP A 31 23.19 20.14 -12.43
N GLU A 32 21.95 20.17 -12.92
CA GLU A 32 20.80 20.54 -12.12
C GLU A 32 20.15 19.43 -11.33
N HIS A 33 19.51 19.80 -10.23
CA HIS A 33 18.85 18.81 -9.40
C HIS A 33 17.68 19.42 -8.64
N GLY A 34 16.83 18.54 -8.11
CA GLY A 34 15.69 18.96 -7.34
C GLY A 34 15.77 18.11 -6.10
N LEU A 35 15.21 18.57 -5.00
CA LEU A 35 15.25 17.80 -3.76
C LEU A 35 13.86 17.38 -3.28
N GLY A 36 13.76 16.14 -2.81
CA GLY A 36 12.50 15.62 -2.31
C GLY A 36 12.65 14.91 -0.97
N GLU A 37 11.57 14.83 -0.20
CA GLU A 37 11.60 14.15 1.09
C GLU A 37 10.48 13.10 1.09
N CYS A 38 10.72 11.98 1.77
CA CYS A 38 9.72 10.92 1.85
C CYS A 38 9.28 10.73 3.28
N TYR A 39 7.96 10.78 3.49
CA TYR A 39 7.38 10.57 4.82
C TYR A 39 8.06 9.38 5.49
N PRO A 40 8.47 9.55 6.75
CA PRO A 40 9.13 8.48 7.47
C PRO A 40 8.23 7.27 7.62
N SER A 41 8.23 6.42 6.60
CA SER A 41 7.42 5.22 6.61
C SER A 41 8.25 3.94 6.72
N ALA A 42 7.66 2.94 7.38
CA ALA A 42 8.26 1.62 7.57
C ALA A 42 9.78 1.74 7.66
N PRO A 43 10.54 0.80 7.03
CA PRO A 43 11.99 0.96 7.13
C PRO A 43 12.47 1.92 6.05
N ALA A 44 13.49 2.70 6.36
CA ALA A 44 14.06 3.63 5.40
C ALA A 44 14.69 2.83 4.25
N ALA A 45 15.33 1.72 4.60
CA ALA A 45 15.96 0.87 3.60
C ALA A 45 14.93 0.55 2.51
N GLY A 46 13.70 0.28 2.95
CA GLY A 46 12.63 -0.03 2.04
C GLY A 46 12.33 1.08 1.04
N ILE A 47 11.98 2.27 1.52
CA ILE A 47 11.67 3.38 0.62
C ILE A 47 12.80 3.53 -0.39
N HIS A 48 14.02 3.48 0.14
CA HIS A 48 15.24 3.59 -0.64
C HIS A 48 15.20 2.74 -1.89
N HIS A 49 15.20 1.43 -1.70
CA HIS A 49 15.16 0.50 -2.81
C HIS A 49 13.93 0.66 -3.70
N ILE A 50 12.86 1.25 -3.17
CA ILE A 50 11.69 1.44 -3.98
C ILE A 50 11.96 2.61 -4.91
N VAL A 51 12.50 3.68 -4.33
CA VAL A 51 12.84 4.88 -5.07
C VAL A 51 13.90 4.64 -6.16
N MSE A 52 15.01 4.00 -5.78
CA MSE A 52 16.07 3.70 -6.73
C MSE A 52 15.54 2.81 -7.85
O MSE A 52 15.93 2.97 -9.02
CB MSE A 52 17.25 3.01 -6.03
CG MSE A 52 18.11 3.93 -5.16
SE MSE A 52 18.61 5.58 -6.13
CE MSE A 52 18.99 4.83 -7.91
N ASN A 53 14.67 1.88 -7.47
CA ASN A 53 14.06 0.96 -8.41
C ASN A 53 13.23 1.70 -9.47
N MSE A 54 12.98 2.98 -9.26
CA MSE A 54 12.18 3.82 -10.17
C MSE A 54 13.05 4.60 -11.16
O MSE A 54 12.53 5.30 -12.05
CB MSE A 54 11.35 4.81 -9.34
CG MSE A 54 9.94 4.96 -9.81
SE MSE A 54 9.00 3.22 -9.85
CE MSE A 54 9.05 2.85 -11.78
N GLU A 55 14.37 4.49 -11.02
CA GLU A 55 15.30 5.23 -11.86
C GLU A 55 15.20 4.96 -13.35
N GLU A 56 15.08 3.69 -13.73
CA GLU A 56 14.98 3.37 -15.15
C GLU A 56 13.89 4.20 -15.81
N GLN A 57 12.71 4.17 -15.22
CA GLN A 57 11.56 4.89 -15.76
C GLN A 57 11.81 6.38 -15.85
N LEU A 58 12.72 6.86 -15.02
CA LEU A 58 13.02 8.28 -14.99
C LEU A 58 14.11 8.73 -15.96
N LEU A 59 15.21 8.00 -15.99
CA LEU A 59 16.34 8.33 -16.86
C LEU A 59 15.96 8.72 -18.29
N GLY A 60 16.54 9.82 -18.76
CA GLY A 60 16.28 10.26 -20.12
C GLY A 60 15.00 11.03 -20.35
N GLU A 61 14.18 11.15 -19.30
CA GLU A 61 12.92 11.87 -19.38
C GLU A 61 13.12 13.36 -19.19
N ASP A 62 12.09 14.14 -19.55
CA ASP A 62 12.15 15.57 -19.36
C ASP A 62 11.38 15.88 -18.07
N PRO A 63 12.04 16.53 -17.12
CA PRO A 63 11.48 16.91 -15.81
C PRO A 63 10.25 17.81 -15.79
N ARG A 64 10.16 18.74 -16.74
CA ARG A 64 9.04 19.67 -16.78
C ARG A 64 7.64 19.08 -16.89
N ASP A 65 7.55 17.81 -17.28
CA ASP A 65 6.27 17.13 -17.38
C ASP A 65 6.19 16.15 -16.20
N VAL A 66 6.05 16.70 -14.99
CA VAL A 66 6.02 15.88 -13.80
C VAL A 66 4.74 15.07 -13.65
N GLU A 67 3.59 15.67 -13.91
CA GLU A 67 2.34 14.94 -13.77
C GLU A 67 2.35 13.69 -14.65
N ARG A 68 2.87 13.81 -15.87
CA ARG A 68 2.96 12.67 -16.75
C ARG A 68 3.96 11.67 -16.19
N LEU A 69 5.05 12.19 -15.64
CA LEU A 69 6.07 11.33 -15.07
C LEU A 69 5.51 10.62 -13.86
N TYR A 70 4.54 11.24 -13.20
CA TYR A 70 3.96 10.62 -12.02
C TYR A 70 3.10 9.43 -12.42
N GLU A 71 2.16 9.68 -13.31
CA GLU A 71 1.27 8.63 -13.80
C GLU A 71 2.07 7.48 -14.38
N LYS A 72 3.27 7.79 -14.83
CA LYS A 72 4.15 6.78 -15.40
C LYS A 72 4.64 5.79 -14.34
N MSE A 73 5.30 6.29 -13.31
CA MSE A 73 5.81 5.41 -12.26
C MSE A 73 4.64 4.77 -11.54
O MSE A 73 4.70 3.61 -11.11
CB MSE A 73 6.64 6.20 -11.25
CG MSE A 73 7.65 7.12 -11.83
SE MSE A 73 8.77 7.93 -10.37
CE MSE A 73 7.75 9.59 -9.93
N ARG A 74 3.56 5.52 -11.43
CA ARG A 74 2.40 5.04 -10.73
C ARG A 74 1.76 3.84 -11.42
N ARG A 75 1.54 3.96 -12.73
CA ARG A 75 0.93 2.87 -13.48
C ARG A 75 1.88 1.70 -13.67
N TRP A 76 3.18 1.97 -13.52
CA TRP A 76 4.20 0.93 -13.66
C TRP A 76 4.19 -0.01 -12.44
N ASN A 77 3.61 0.45 -11.34
CA ASN A 77 3.53 -0.32 -10.10
C ASN A 77 2.15 -0.91 -9.85
N ILE A 78 1.29 -0.87 -10.87
CA ILE A 78 -0.06 -1.40 -10.76
C ILE A 78 -0.09 -2.82 -10.23
N PHE A 79 0.84 -3.65 -10.68
CA PHE A 79 0.89 -5.03 -10.23
C PHE A 79 1.97 -5.26 -9.17
N THR A 80 2.50 -4.17 -8.62
CA THR A 80 3.52 -4.26 -7.59
C THR A 80 3.27 -3.27 -6.45
N GLY A 81 2.00 -3.11 -6.07
CA GLY A 81 1.66 -2.22 -4.98
C GLY A 81 1.61 -0.73 -5.26
N GLY A 82 1.08 -0.36 -6.44
CA GLY A 82 0.97 1.05 -6.79
C GLY A 82 -0.28 1.72 -6.25
N GLN A 83 -1.13 0.92 -5.60
CA GLN A 83 -2.36 1.43 -5.01
C GLN A 83 -2.04 1.65 -3.55
N ALA A 84 -1.12 0.80 -3.09
CA ALA A 84 -0.57 0.70 -1.75
C ALA A 84 -0.22 1.94 -0.97
N GLY A 85 0.85 1.79 -0.18
CA GLY A 85 1.34 2.86 0.66
C GLY A 85 2.80 3.14 0.45
N ALA A 86 3.68 2.23 0.84
CA ALA A 86 5.12 2.43 0.67
C ALA A 86 5.45 2.86 -0.74
N VAL A 87 5.07 2.05 -1.71
CA VAL A 87 5.33 2.37 -3.11
C VAL A 87 4.90 3.78 -3.47
N ILE A 88 3.86 4.29 -2.82
CA ILE A 88 3.40 5.63 -3.13
C ILE A 88 4.14 6.70 -2.34
N THR A 89 4.50 6.38 -1.12
CA THR A 89 5.23 7.33 -0.29
C THR A 89 6.57 7.54 -0.97
N ALA A 90 7.11 6.44 -1.51
CA ALA A 90 8.38 6.46 -2.21
C ALA A 90 8.23 7.39 -3.40
N LEU A 91 7.07 7.31 -4.05
CA LEU A 91 6.79 8.15 -5.21
C LEU A 91 6.58 9.60 -4.79
N SER A 92 6.06 9.81 -3.59
CA SER A 92 5.85 11.16 -3.11
C SER A 92 7.13 12.01 -3.14
N GLY A 93 8.23 11.45 -2.62
CA GLY A 93 9.49 12.18 -2.60
C GLY A 93 10.10 12.47 -3.95
N ILE A 94 10.00 11.51 -4.86
CA ILE A 94 10.51 11.68 -6.20
C ILE A 94 9.74 12.83 -6.86
N GLU A 95 8.42 12.71 -6.87
CA GLU A 95 7.59 13.73 -7.47
C GLU A 95 7.97 15.11 -6.92
N THR A 96 8.25 15.20 -5.64
CA THR A 96 8.60 16.49 -5.08
C THR A 96 9.87 16.99 -5.75
N ALA A 97 10.87 16.11 -5.84
CA ALA A 97 12.15 16.46 -6.45
C ALA A 97 11.93 17.02 -7.85
N LEU A 98 11.12 16.30 -8.63
CA LEU A 98 10.79 16.68 -10.00
C LEU A 98 10.16 18.05 -10.03
N TRP A 99 9.29 18.31 -9.07
CA TRP A 99 8.65 19.60 -8.99
C TRP A 99 9.72 20.66 -8.69
N ASP A 100 10.61 20.34 -7.76
CA ASP A 100 11.70 21.24 -7.35
C ASP A 100 12.58 21.54 -8.57
N LEU A 101 12.97 20.48 -9.28
CA LEU A 101 13.80 20.58 -10.48
C LEU A 101 13.13 21.37 -11.60
N ALA A 102 11.87 21.06 -11.89
CA ALA A 102 11.15 21.75 -12.96
C ALA A 102 11.05 23.25 -12.67
N GLY A 103 10.81 23.61 -11.41
CA GLY A 103 10.70 25.00 -11.04
C GLY A 103 11.99 25.76 -11.22
N LYS A 104 13.07 25.13 -10.78
CA LYS A 104 14.40 25.74 -10.90
C LYS A 104 14.80 25.83 -12.35
N LEU A 105 14.58 24.75 -13.09
CA LEU A 105 14.93 24.72 -14.50
C LEU A 105 14.24 25.80 -15.31
N GLN A 106 12.95 26.02 -15.08
CA GLN A 106 12.21 27.05 -15.80
C GLN A 106 12.31 28.36 -15.05
N GLY A 107 12.93 28.29 -13.89
CA GLY A 107 13.10 29.47 -13.07
C GLY A 107 11.81 30.09 -12.61
N VAL A 108 11.05 29.36 -11.80
CA VAL A 108 9.78 29.83 -11.26
C VAL A 108 9.52 29.03 -10.00
N PRO A 109 8.87 29.66 -9.00
CA PRO A 109 8.56 28.97 -7.74
C PRO A 109 7.46 27.91 -7.96
N VAL A 110 7.66 26.74 -7.37
CA VAL A 110 6.73 25.62 -7.51
C VAL A 110 5.24 25.99 -7.52
N TYR A 111 4.82 26.87 -6.64
CA TYR A 111 3.41 27.23 -6.60
C TYR A 111 2.93 27.88 -7.89
N ARG A 112 3.84 28.43 -8.67
CA ARG A 112 3.44 29.05 -9.93
C ARG A 112 3.27 27.94 -10.96
N LEU A 113 3.71 26.74 -10.61
CA LEU A 113 3.57 25.60 -11.49
C LEU A 113 2.34 24.81 -11.06
N LEU A 114 1.71 25.26 -9.97
CA LEU A 114 0.51 24.62 -9.43
C LEU A 114 -0.72 25.47 -9.64
N GLY A 115 -0.59 26.55 -10.42
CA GLY A 115 -1.74 27.41 -10.68
C GLY A 115 -1.65 28.80 -10.10
N GLY A 116 -0.50 29.12 -9.50
CA GLY A 116 -0.30 30.42 -8.90
C GLY A 116 -0.36 30.34 -7.38
N ALA A 117 -0.60 31.47 -6.74
CA ALA A 117 -0.66 31.50 -5.29
C ALA A 117 -1.88 32.25 -4.79
N PHE A 118 -2.73 31.57 -4.01
CA PHE A 118 -3.90 32.22 -3.44
C PHE A 118 -3.41 33.06 -2.30
N ARG A 119 -2.39 32.58 -1.62
CA ARG A 119 -1.81 33.29 -0.49
C ARG A 119 -0.31 33.07 -0.54
N ARG A 120 0.45 33.89 0.18
CA ARG A 120 1.91 33.77 0.21
C ARG A 120 2.42 33.42 1.59
N ARG A 121 1.59 33.57 2.61
CA ARG A 121 1.98 33.21 3.97
C ARG A 121 1.04 32.11 4.45
N VAL A 122 1.60 30.95 4.83
CA VAL A 122 0.79 29.83 5.30
C VAL A 122 0.84 29.66 6.83
N ARG A 123 -0.32 29.55 7.46
CA ARG A 123 -0.39 29.39 8.90
C ARG A 123 -0.22 27.93 9.31
N LEU A 124 0.29 27.72 10.53
CA LEU A 124 0.55 26.36 11.03
C LEU A 124 -0.11 26.07 12.37
N TYR A 125 0.12 24.83 12.85
CA TYR A 125 -0.39 24.38 14.13
C TYR A 125 0.66 23.42 14.68
N ALA A 126 0.92 23.49 15.98
CA ALA A 126 1.95 22.64 16.57
C ALA A 126 1.47 21.47 17.43
N ASP A 127 2.14 20.33 17.26
CA ASP A 127 1.84 19.12 18.03
C ASP A 127 2.47 19.29 19.40
N CYS A 128 1.88 18.65 20.40
CA CYS A 128 2.39 18.73 21.76
C CYS A 128 2.44 17.31 22.31
N ASN A 129 3.66 16.84 22.54
CA ASN A 129 3.86 15.48 23.04
C ASN A 129 4.20 15.34 24.52
N ALA A 130 3.82 14.20 25.06
CA ALA A 130 4.06 13.90 26.46
C ALA A 130 5.45 13.27 26.63
N GLY A 131 5.48 11.96 26.81
CA GLY A 131 6.75 11.29 27.02
C GLY A 131 7.51 10.93 25.77
N THR A 132 7.54 9.62 25.51
CA THR A 132 8.24 9.08 24.34
C THR A 132 7.40 7.95 23.75
N VAL A 133 7.00 8.14 22.51
CA VAL A 133 6.18 7.15 21.82
C VAL A 133 7.03 6.35 20.84
N ASP A 134 6.51 5.20 20.42
CA ASP A 134 7.21 4.34 19.47
C ASP A 134 6.65 4.46 18.05
N ALA A 135 7.04 3.53 17.19
CA ALA A 135 6.60 3.53 15.80
C ALA A 135 5.08 3.49 15.69
N ALA A 136 4.44 2.69 16.53
CA ALA A 136 2.99 2.57 16.53
C ALA A 136 2.31 3.74 17.24
N ALA A 137 3.10 4.75 17.57
CA ALA A 137 2.61 5.94 18.26
C ALA A 137 2.07 5.62 19.66
N HIS A 138 2.65 4.59 20.30
CA HIS A 138 2.25 4.18 21.64
C HIS A 138 3.24 4.82 22.63
N HIS A 139 2.74 5.20 23.80
CA HIS A 139 3.59 5.82 24.81
C HIS A 139 4.41 4.81 25.59
N ILE A 140 5.72 4.89 25.41
CA ILE A 140 6.66 4.02 26.10
C ILE A 140 6.96 4.69 27.45
N GLU A 141 6.94 6.02 27.42
CA GLU A 141 7.21 6.85 28.58
C GLU A 141 6.07 7.87 28.67
N GLY A 142 5.24 7.72 29.69
CA GLY A 142 4.13 8.64 29.86
C GLY A 142 2.83 7.92 29.59
N GLY A 143 1.70 8.58 29.85
CA GLY A 143 0.42 7.95 29.62
C GLY A 143 -0.69 8.55 30.46
N LEU A 144 -1.91 8.06 30.26
CA LEU A 144 -3.06 8.57 30.98
C LEU A 144 -2.95 8.38 32.49
N PHE A 145 -2.75 7.13 32.93
CA PHE A 145 -2.62 6.86 34.36
C PHE A 145 -1.20 7.17 34.79
N GLU A 146 -0.74 8.39 34.50
CA GLU A 146 0.62 8.78 34.86
C GLU A 146 0.68 9.81 36.00
N GLU A 147 1.37 10.92 35.81
CA GLU A 147 1.50 11.90 36.87
C GLU A 147 1.52 13.36 36.44
N GLY A 148 2.71 13.85 36.14
CA GLY A 148 2.84 15.22 35.68
C GLY A 148 2.74 15.17 34.18
N SER A 149 2.02 14.15 33.70
CA SER A 149 1.83 13.92 32.29
C SER A 149 0.98 15.05 31.71
N ASN A 150 -0.06 15.43 32.42
CA ASN A 150 -0.89 16.50 31.92
C ASN A 150 -0.16 17.84 31.96
N GLU A 151 0.47 18.14 33.09
CA GLU A 151 1.20 19.40 33.22
C GLU A 151 2.26 19.45 32.12
N GLU A 152 2.96 18.35 31.95
CA GLU A 152 3.97 18.27 30.93
C GLU A 152 3.38 18.79 29.62
N TYR A 153 2.15 18.37 29.32
CA TYR A 153 1.41 18.77 28.12
C TYR A 153 1.12 20.26 28.10
N ILE A 154 0.43 20.72 29.14
CA ILE A 154 0.07 22.11 29.29
C ILE A 154 1.27 23.02 29.08
N ALA A 155 2.45 22.52 29.47
CA ALA A 155 3.69 23.29 29.33
C ALA A 155 4.03 23.46 27.87
N VAL A 156 4.07 22.34 27.16
CA VAL A 156 4.41 22.34 25.75
C VAL A 156 3.46 23.26 24.99
N ALA A 157 2.19 23.20 25.37
CA ALA A 157 1.18 24.04 24.76
C ALA A 157 1.57 25.49 24.99
N ARG A 158 1.78 25.84 26.26
CA ARG A 158 2.15 27.21 26.61
C ARG A 158 3.31 27.70 25.75
N GLU A 159 4.33 26.87 25.60
CA GLU A 159 5.47 27.27 24.78
C GLU A 159 5.04 27.47 23.35
N ALA A 160 4.08 26.66 22.89
CA ALA A 160 3.61 26.75 21.53
C ALA A 160 2.92 28.07 21.25
N VAL A 161 2.08 28.53 22.18
CA VAL A 161 1.40 29.80 21.98
C VAL A 161 2.47 30.89 22.07
N GLU A 162 3.40 30.64 22.96
CA GLU A 162 4.51 31.54 23.22
C GLU A 162 5.33 31.76 21.94
N ARG A 163 5.69 30.67 21.27
CA ARG A 163 6.48 30.73 20.05
C ARG A 163 5.69 31.31 18.87
N GLY A 164 4.51 31.85 19.13
CA GLY A 164 3.73 32.44 18.07
C GLY A 164 2.56 31.65 17.49
N PHE A 165 2.33 30.43 17.97
CA PHE A 165 1.23 29.63 17.44
C PHE A 165 -0.16 29.90 18.09
N ASP A 166 -1.23 29.56 17.38
CA ASP A 166 -2.60 29.76 17.85
C ASP A 166 -3.47 28.54 17.53
N ALA A 167 -2.80 27.46 17.16
CA ALA A 167 -3.43 26.21 16.85
C ALA A 167 -2.45 25.16 17.37
N ILE A 168 -2.97 24.27 18.21
CA ILE A 168 -2.16 23.21 18.80
C ILE A 168 -2.90 21.91 18.60
N LYS A 169 -2.17 20.80 18.76
CA LYS A 169 -2.75 19.47 18.63
C LYS A 169 -2.07 18.49 19.56
N LEU A 170 -2.87 17.65 20.21
CA LEU A 170 -2.34 16.65 21.11
C LEU A 170 -3.18 15.38 21.05
N ASP A 171 -2.55 14.26 21.36
CA ASP A 171 -3.22 12.97 21.36
C ASP A 171 -3.81 12.69 22.73
N VAL A 172 -4.68 11.69 22.80
CA VAL A 172 -5.33 11.34 24.04
C VAL A 172 -5.37 9.84 24.17
N ASP A 173 -4.53 9.16 23.40
CA ASP A 173 -4.53 7.71 23.44
C ASP A 173 -3.41 7.06 24.22
N ASP A 174 -3.74 5.89 24.78
CA ASP A 174 -2.80 5.09 25.54
C ASP A 174 -3.38 3.68 25.66
N ILE A 175 -2.95 2.83 24.74
CA ILE A 175 -3.42 1.45 24.69
C ILE A 175 -2.52 0.50 25.45
N THR A 176 -1.25 0.88 25.60
CA THR A 176 -0.31 0.05 26.33
C THR A 176 -0.25 0.60 27.73
N GLY A 177 -1.27 1.37 28.09
CA GLY A 177 -1.32 1.93 29.43
C GLY A 177 -2.03 1.01 30.39
N PRO A 178 -1.77 1.13 31.70
CA PRO A 178 -2.42 0.29 32.70
C PRO A 178 -3.93 0.53 32.77
N LEU A 179 -4.33 1.73 32.33
CA LEU A 179 -5.73 2.13 32.33
C LEU A 179 -6.56 1.40 31.26
N HIS A 180 -5.86 0.70 30.36
CA HIS A 180 -6.50 -0.03 29.26
C HIS A 180 -6.57 -1.51 29.58
N ARG A 181 -7.79 -2.06 29.54
CA ARG A 181 -8.00 -3.46 29.88
C ARG A 181 -7.44 -4.46 28.89
N ASP A 182 -7.80 -4.34 27.63
CA ASP A 182 -7.36 -5.28 26.62
C ASP A 182 -6.75 -4.56 25.42
N PHE A 183 -5.70 -5.12 24.84
CA PHE A 183 -5.03 -4.49 23.70
C PHE A 183 -5.74 -4.64 22.35
N TRP A 184 -6.31 -5.82 22.11
CA TRP A 184 -6.96 -6.13 20.84
C TRP A 184 -8.31 -5.51 20.50
N ASN A 185 -9.16 -5.26 21.48
CA ASN A 185 -10.45 -4.61 21.19
C ASN A 185 -10.22 -3.11 21.27
N GLY A 186 -11.18 -2.31 20.81
CA GLY A 186 -10.98 -0.88 20.86
C GLY A 186 -11.69 -0.24 22.01
N ALA A 187 -12.13 -1.03 22.98
CA ALA A 187 -12.86 -0.53 24.12
C ALA A 187 -12.12 0.44 25.04
N ILE A 188 -12.87 1.41 25.57
CA ILE A 188 -12.35 2.41 26.51
C ILE A 188 -13.10 2.19 27.81
N SER A 189 -12.37 2.06 28.92
CA SER A 189 -13.01 1.84 30.21
C SER A 189 -13.55 3.14 30.81
N PRO A 190 -14.56 3.02 31.69
CA PRO A 190 -15.18 4.17 32.36
C PRO A 190 -14.11 5.11 32.89
N ARG A 191 -13.16 4.51 33.60
CA ARG A 191 -12.06 5.25 34.18
C ARG A 191 -11.10 5.80 33.13
N GLU A 192 -10.79 4.97 32.13
CA GLU A 192 -9.88 5.36 31.07
C GLU A 192 -10.50 6.54 30.33
N HIS A 193 -11.82 6.49 30.17
CA HIS A 193 -12.56 7.53 29.50
C HIS A 193 -12.39 8.92 30.12
N GLU A 194 -12.91 9.08 31.33
CA GLU A 194 -12.84 10.36 32.02
C GLU A 194 -11.42 10.89 32.21
N ALA A 195 -10.43 10.00 32.16
CA ALA A 195 -9.03 10.39 32.29
C ALA A 195 -8.61 11.17 31.06
N MSE A 196 -9.18 10.78 29.92
CA MSE A 196 -8.90 11.43 28.66
C MSE A 196 -9.51 12.81 28.72
O MSE A 196 -8.81 13.82 28.56
CB MSE A 196 -9.49 10.60 27.52
CG MSE A 196 -8.79 9.24 27.35
SE MSE A 196 -9.56 8.02 25.98
CE MSE A 196 -10.27 6.63 27.15
N VAL A 197 -10.80 12.84 28.97
CA VAL A 197 -11.53 14.10 29.04
C VAL A 197 -10.82 15.10 29.93
N ALA A 198 -10.25 14.62 31.02
CA ALA A 198 -9.56 15.52 31.93
C ALA A 198 -8.32 16.07 31.27
N ARG A 199 -7.61 15.23 30.52
CA ARG A 199 -6.43 15.70 29.85
C ARG A 199 -6.82 16.82 28.94
N VAL A 200 -7.96 16.64 28.26
CA VAL A 200 -8.47 17.65 27.35
C VAL A 200 -8.87 18.90 28.13
N ALA A 201 -9.79 18.71 29.07
CA ALA A 201 -10.28 19.81 29.88
C ALA A 201 -9.15 20.69 30.41
N ALA A 202 -8.10 20.06 30.92
CA ALA A 202 -6.95 20.75 31.50
C ALA A 202 -6.30 21.75 30.56
N VAL A 203 -5.90 21.26 29.38
CA VAL A 203 -5.27 22.09 28.38
C VAL A 203 -6.21 23.19 27.89
N ARG A 204 -7.49 22.88 27.82
CA ARG A 204 -8.46 23.86 27.38
C ARG A 204 -8.47 25.08 28.30
N GLU A 205 -8.44 24.85 29.60
CA GLU A 205 -8.47 25.94 30.56
C GLU A 205 -7.15 26.69 30.60
N ALA A 206 -6.06 25.96 30.43
CA ALA A 206 -4.73 26.56 30.47
C ALA A 206 -4.55 27.57 29.35
N VAL A 207 -4.92 27.16 28.14
CA VAL A 207 -4.79 28.01 26.97
C VAL A 207 -5.98 28.95 26.81
N GLY A 208 -7.08 28.60 27.46
CA GLY A 208 -8.27 29.42 27.36
C GLY A 208 -8.81 29.32 25.95
N PRO A 209 -9.87 30.07 25.62
CA PRO A 209 -10.43 30.01 24.26
C PRO A 209 -9.62 30.82 23.25
N GLU A 210 -10.22 31.01 22.09
CA GLU A 210 -9.57 31.74 21.02
C GLU A 210 -8.24 31.10 20.69
N VAL A 211 -8.15 29.79 20.90
CA VAL A 211 -6.94 29.04 20.58
C VAL A 211 -7.32 27.65 20.06
N GLU A 212 -7.32 27.52 18.74
CA GLU A 212 -7.68 26.28 18.08
C GLU A 212 -6.88 25.10 18.64
N VAL A 213 -7.60 24.09 19.12
CA VAL A 213 -6.97 22.89 19.67
C VAL A 213 -7.61 21.60 19.13
N ALA A 214 -6.83 20.85 18.38
CA ALA A 214 -7.30 19.60 17.81
C ALA A 214 -6.81 18.45 18.66
N ILE A 215 -7.53 17.35 18.62
CA ILE A 215 -7.19 16.18 19.41
C ILE A 215 -7.11 14.91 18.58
N ASP A 216 -6.05 14.13 18.78
CA ASP A 216 -5.85 12.89 18.03
C ASP A 216 -6.08 11.61 18.81
N MSE A 217 -6.73 10.67 18.17
CA MSE A 217 -7.02 9.41 18.82
C MSE A 217 -6.23 8.26 18.23
O MSE A 217 -6.29 7.14 18.71
CB MSE A 217 -8.52 9.14 18.72
CG MSE A 217 -9.31 9.75 19.85
SE MSE A 217 -11.26 9.69 19.54
CE MSE A 217 -11.87 7.91 20.15
N HIS A 218 -5.48 8.55 17.17
CA HIS A 218 -4.67 7.57 16.46
C HIS A 218 -5.42 6.31 16.05
N GLY A 219 -6.69 6.50 15.70
CA GLY A 219 -7.55 5.41 15.28
C GLY A 219 -7.32 4.08 15.99
N ARG A 220 -7.63 4.03 17.28
CA ARG A 220 -7.43 2.80 18.03
C ARG A 220 -8.75 2.17 18.49
N PHE A 221 -9.77 2.99 18.64
CA PHE A 221 -11.03 2.51 19.20
C PHE A 221 -12.21 2.06 18.35
N ASP A 222 -13.15 1.39 19.03
CA ASP A 222 -14.36 0.87 18.41
C ASP A 222 -15.51 1.88 18.32
N ILE A 223 -16.56 1.47 17.63
CA ILE A 223 -17.74 2.31 17.41
C ILE A 223 -18.30 2.96 18.68
N PRO A 224 -18.75 2.16 19.64
CA PRO A 224 -19.31 2.68 20.89
C PRO A 224 -18.40 3.65 21.64
N SER A 225 -17.14 3.28 21.79
CA SER A 225 -16.21 4.15 22.50
C SER A 225 -16.05 5.48 21.77
N SER A 226 -15.78 5.41 20.48
CA SER A 226 -15.60 6.60 19.67
C SER A 226 -16.76 7.55 19.86
N ILE A 227 -17.96 7.02 19.65
CA ILE A 227 -19.18 7.78 19.79
C ILE A 227 -19.31 8.41 21.18
N ARG A 228 -19.14 7.59 22.21
CA ARG A 228 -19.23 8.05 23.57
C ARG A 228 -18.25 9.19 23.80
N PHE A 229 -16.98 8.94 23.52
CA PHE A 229 -15.95 9.94 23.71
C PHE A 229 -16.18 11.23 22.89
N ALA A 230 -16.74 11.10 21.70
CA ALA A 230 -16.99 12.24 20.84
C ALA A 230 -18.04 13.20 21.39
N ARG A 231 -19.13 12.66 21.94
CA ARG A 231 -20.18 13.49 22.52
C ARG A 231 -19.56 14.30 23.65
N ALA A 232 -18.64 13.64 24.37
CA ALA A 232 -17.94 14.22 25.51
C ALA A 232 -17.13 15.46 25.14
N MSE A 233 -16.61 15.45 23.90
CA MSE A 233 -15.81 16.52 23.35
C MSE A 233 -16.60 17.74 22.93
O MSE A 233 -16.04 18.82 22.79
CB MSE A 233 -15.06 16.01 22.13
CG MSE A 233 -13.97 15.04 22.48
SE MSE A 233 -12.62 15.98 23.59
CE MSE A 233 -13.17 15.30 25.40
N GLU A 234 -17.90 17.57 22.73
CA GLU A 234 -18.76 18.65 22.26
C GLU A 234 -18.67 19.93 23.05
N PRO A 235 -18.79 19.86 24.37
CA PRO A 235 -18.70 21.10 25.13
C PRO A 235 -17.34 21.79 25.09
N PHE A 236 -16.36 21.25 24.35
CA PHE A 236 -15.05 21.88 24.32
C PHE A 236 -14.76 22.67 23.06
N GLY A 237 -15.59 22.53 22.05
CA GLY A 237 -15.37 23.26 20.82
C GLY A 237 -13.96 23.06 20.29
N LEU A 238 -13.66 21.83 19.90
CA LEU A 238 -12.35 21.49 19.36
C LEU A 238 -12.31 21.86 17.89
N LEU A 239 -11.10 22.09 17.38
CA LEU A 239 -10.92 22.41 15.97
C LEU A 239 -11.41 21.13 15.28
N TRP A 240 -11.05 19.99 15.86
CA TRP A 240 -11.46 18.70 15.35
C TRP A 240 -10.99 17.53 16.21
N LEU A 241 -11.57 16.38 15.95
CA LEU A 241 -11.20 15.15 16.63
C LEU A 241 -10.66 14.28 15.50
N GLU A 242 -9.40 13.86 15.61
CA GLU A 242 -8.74 13.07 14.58
C GLU A 242 -8.89 11.56 14.76
N GLU A 243 -9.05 10.88 13.62
CA GLU A 243 -9.18 9.42 13.53
C GLU A 243 -9.72 8.70 14.75
N PRO A 244 -11.01 8.89 15.08
CA PRO A 244 -11.46 8.16 16.26
C PRO A 244 -11.35 6.66 16.08
N THR A 245 -11.66 6.18 14.88
CA THR A 245 -11.61 4.76 14.59
C THR A 245 -10.49 4.40 13.59
N PRO A 246 -10.19 3.09 13.45
CA PRO A 246 -9.17 2.51 12.58
C PRO A 246 -9.38 2.93 11.15
N PRO A 247 -8.31 3.39 10.49
CA PRO A 247 -8.31 3.86 9.11
C PRO A 247 -8.81 2.93 8.00
N GLU A 248 -9.15 1.69 8.31
CA GLU A 248 -9.56 0.82 7.23
C GLU A 248 -11.02 0.87 6.71
N ASN A 249 -11.99 1.18 7.55
CA ASN A 249 -13.39 1.25 7.11
C ASN A 249 -13.85 2.68 7.26
N LEU A 250 -14.04 3.35 6.13
CA LEU A 250 -14.47 4.74 6.16
C LEU A 250 -15.94 4.89 6.56
N ASP A 251 -16.70 3.82 6.40
CA ASP A 251 -18.11 3.86 6.76
C ASP A 251 -18.29 4.09 8.25
N ALA A 252 -17.36 3.56 9.04
CA ALA A 252 -17.40 3.70 10.50
C ALA A 252 -17.15 5.15 10.92
N LEU A 253 -16.24 5.80 10.21
CA LEU A 253 -15.90 7.19 10.47
C LEU A 253 -17.11 8.06 10.16
N ALA A 254 -17.77 7.73 9.07
CA ALA A 254 -18.94 8.46 8.66
C ALA A 254 -20.00 8.31 9.75
N GLU A 255 -20.17 7.08 10.24
CA GLU A 255 -21.17 6.81 11.26
C GLU A 255 -20.86 7.63 12.52
N VAL A 256 -19.57 7.79 12.80
CA VAL A 256 -19.18 8.55 13.97
C VAL A 256 -19.40 10.01 13.71
N ARG A 257 -18.95 10.48 12.56
CA ARG A 257 -19.10 11.88 12.20
C ARG A 257 -20.55 12.29 12.32
N ARG A 258 -21.41 11.42 11.79
CA ARG A 258 -22.85 11.59 11.77
C ARG A 258 -23.49 11.56 13.17
N SER A 259 -22.71 11.12 14.16
CA SER A 259 -23.20 10.98 15.54
C SER A 259 -23.01 12.16 16.50
N THR A 260 -22.22 13.15 16.13
CA THR A 260 -22.03 14.27 17.05
C THR A 260 -21.80 15.59 16.35
N SER A 261 -21.80 16.65 17.16
CA SER A 261 -21.59 18.01 16.68
C SER A 261 -20.10 18.31 16.55
N THR A 262 -19.27 17.56 17.27
CA THR A 262 -17.82 17.74 17.22
C THR A 262 -17.35 17.37 15.80
N PRO A 263 -16.58 18.25 15.15
CA PRO A 263 -16.06 18.02 13.79
C PRO A 263 -15.02 16.91 13.70
N ILE A 264 -15.09 16.11 12.64
CA ILE A 264 -14.18 14.98 12.46
C ILE A 264 -13.11 15.21 11.39
N CYS A 265 -11.91 14.69 11.64
CA CYS A 265 -10.80 14.86 10.70
C CYS A 265 -10.00 13.59 10.47
N ALA A 266 -9.57 13.39 9.22
CA ALA A 266 -8.77 12.24 8.85
C ALA A 266 -8.19 12.43 7.46
N GLY A 267 -7.29 11.54 7.08
CA GLY A 267 -6.67 11.61 5.77
C GLY A 267 -5.24 11.12 5.82
N GLU A 268 -4.62 11.29 6.98
CA GLU A 268 -3.24 10.90 7.22
C GLU A 268 -2.89 9.49 6.73
N ASN A 269 -3.89 8.61 6.73
CA ASN A 269 -3.69 7.23 6.30
C ASN A 269 -4.44 6.74 5.05
N VAL A 270 -4.88 7.69 4.22
CA VAL A 270 -5.57 7.38 2.97
C VAL A 270 -4.61 7.94 1.91
N TYR A 271 -4.31 7.13 0.90
CA TYR A 271 -3.34 7.49 -0.11
C TYR A 271 -3.64 8.20 -1.42
N THR A 272 -4.11 7.46 -2.41
CA THR A 272 -4.36 8.07 -3.70
C THR A 272 -5.54 9.03 -3.71
N ARG A 273 -5.69 9.74 -4.82
CA ARG A 273 -6.80 10.66 -5.01
C ARG A 273 -8.07 9.82 -5.12
N PHE A 274 -7.95 8.66 -5.75
CA PHE A 274 -9.09 7.77 -5.89
C PHE A 274 -9.68 7.37 -4.54
N ASP A 275 -8.83 7.34 -3.52
CA ASP A 275 -9.30 6.97 -2.19
C ASP A 275 -10.00 8.12 -1.50
N PHE A 276 -9.52 9.34 -1.70
CA PHE A 276 -10.19 10.46 -1.07
C PHE A 276 -11.52 10.68 -1.77
N ARG A 277 -11.58 10.22 -3.00
CA ARG A 277 -12.79 10.33 -3.79
C ARG A 277 -13.89 9.57 -3.07
N GLU A 278 -13.51 8.44 -2.48
CA GLU A 278 -14.44 7.59 -1.76
C GLU A 278 -14.69 8.15 -0.34
N LEU A 279 -13.67 8.73 0.27
CA LEU A 279 -13.78 9.33 1.59
C LEU A 279 -14.84 10.41 1.57
N PHE A 280 -14.73 11.30 0.58
CA PHE A 280 -15.66 12.41 0.40
C PHE A 280 -17.08 11.93 0.06
N ALA A 281 -17.17 10.91 -0.79
CA ALA A 281 -18.46 10.36 -1.19
C ALA A 281 -19.29 9.91 0.01
N LYS A 282 -18.62 9.31 0.99
CA LYS A 282 -19.29 8.83 2.18
C LYS A 282 -19.50 9.95 3.19
N ARG A 283 -19.25 11.18 2.77
CA ARG A 283 -19.39 12.34 3.66
C ARG A 283 -18.78 11.99 5.02
N ALA A 284 -17.60 11.40 4.99
CA ALA A 284 -16.92 10.95 6.19
C ALA A 284 -16.16 11.96 7.04
N VAL A 285 -15.95 13.19 6.57
CA VAL A 285 -15.19 14.12 7.40
C VAL A 285 -15.57 15.58 7.30
N ASP A 286 -15.07 16.34 8.26
CA ASP A 286 -15.30 17.79 8.31
C ASP A 286 -14.04 18.49 7.83
N TYR A 287 -12.89 17.83 8.00
CA TYR A 287 -11.59 18.37 7.56
C TYR A 287 -10.73 17.21 6.99
N VAL A 288 -10.04 17.46 5.87
CA VAL A 288 -9.17 16.43 5.28
C VAL A 288 -7.70 16.76 5.44
N MSE A 289 -6.96 15.76 5.92
CA MSE A 289 -5.56 15.95 6.17
C MSE A 289 -4.63 14.94 5.53
O MSE A 289 -4.10 14.05 6.21
CB MSE A 289 -5.33 16.00 7.66
CG MSE A 289 -5.83 14.79 8.40
SE MSE A 289 -5.52 14.97 10.35
CE MSE A 289 -3.59 14.49 10.42
N PRO A 290 -4.40 15.04 4.22
CA PRO A 290 -3.48 14.09 3.59
C PRO A 290 -2.02 14.52 3.87
N ASP A 291 -1.04 13.64 3.64
CA ASP A 291 0.37 14.00 3.85
C ASP A 291 1.07 14.03 2.49
N VAL A 292 1.46 15.23 2.06
CA VAL A 292 2.10 15.42 0.77
C VAL A 292 3.28 14.46 0.57
N ALA A 293 4.13 14.36 1.57
CA ALA A 293 5.30 13.48 1.48
C ALA A 293 4.94 12.03 1.61
N LYS A 294 3.66 11.72 1.73
CA LYS A 294 3.26 10.33 1.89
C LYS A 294 2.20 9.82 0.93
N CYS A 295 1.30 10.69 0.47
CA CYS A 295 0.18 10.30 -0.40
C CYS A 295 0.40 10.25 -1.91
N GLY A 296 1.40 10.97 -2.40
CA GLY A 296 1.65 10.96 -3.82
C GLY A 296 2.27 12.24 -4.36
N GLY A 297 2.67 13.14 -3.46
CA GLY A 297 3.28 14.37 -3.91
C GLY A 297 2.37 15.57 -4.06
N LEU A 298 2.97 16.71 -4.35
CA LEU A 298 2.24 17.97 -4.50
C LEU A 298 1.07 17.88 -5.49
N ALA A 299 1.32 17.32 -6.66
CA ALA A 299 0.28 17.19 -7.68
C ALA A 299 -0.90 16.40 -7.13
N GLU A 300 -0.62 15.24 -6.56
CA GLU A 300 -1.71 14.43 -6.02
C GLU A 300 -2.47 15.26 -4.98
N ALA A 301 -1.73 15.84 -4.04
CA ALA A 301 -2.28 16.66 -2.97
C ALA A 301 -3.20 17.77 -3.46
N LYS A 302 -2.79 18.52 -4.48
CA LYS A 302 -3.64 19.59 -4.97
C LYS A 302 -4.97 19.03 -5.38
N ARG A 303 -4.96 17.98 -6.20
CA ARG A 303 -6.21 17.38 -6.62
C ARG A 303 -7.10 17.12 -5.42
N ILE A 304 -6.61 16.33 -4.48
CA ILE A 304 -7.36 16.00 -3.27
C ILE A 304 -8.00 17.26 -2.69
N ALA A 305 -7.24 18.34 -2.62
CA ALA A 305 -7.76 19.59 -2.09
C ALA A 305 -8.88 20.12 -2.99
N ASN A 306 -8.69 19.95 -4.29
CA ASN A 306 -9.68 20.39 -5.26
C ASN A 306 -10.97 19.62 -5.13
N LEU A 307 -10.86 18.34 -4.81
CA LEU A 307 -12.03 17.50 -4.62
C LEU A 307 -12.83 17.97 -3.41
N ALA A 308 -12.11 18.20 -2.32
CA ALA A 308 -12.71 18.65 -1.08
C ALA A 308 -13.36 20.02 -1.24
N GLU A 309 -12.78 20.83 -2.10
CA GLU A 309 -13.26 22.18 -2.34
C GLU A 309 -14.70 22.20 -2.86
N LEU A 310 -15.03 21.22 -3.68
CA LEU A 310 -16.37 21.12 -4.23
C LEU A 310 -17.45 20.92 -3.17
N ASP A 311 -17.03 20.52 -1.98
CA ASP A 311 -17.96 20.31 -0.86
C ASP A 311 -17.73 21.31 0.25
N TYR A 312 -16.88 22.30 0.02
CA TYR A 312 -16.62 23.30 1.03
C TYR A 312 -16.01 22.66 2.27
N ILE A 313 -15.15 21.67 2.04
CA ILE A 313 -14.43 20.94 3.08
C ILE A 313 -13.03 21.56 3.19
N PRO A 314 -12.61 21.97 4.40
CA PRO A 314 -11.28 22.57 4.61
C PRO A 314 -10.07 21.64 4.40
N PHE A 315 -8.98 22.21 3.88
CA PHE A 315 -7.75 21.47 3.61
C PHE A 315 -6.62 21.78 4.62
N ALA A 316 -6.31 20.80 5.47
CA ALA A 316 -5.28 20.96 6.49
C ALA A 316 -4.34 19.76 6.45
N PRO A 317 -3.36 19.83 5.56
CA PRO A 317 -2.39 18.75 5.39
C PRO A 317 -1.63 18.28 6.63
N HIS A 318 -1.33 16.98 6.62
CA HIS A 318 -0.57 16.33 7.67
C HIS A 318 0.90 16.45 7.24
N ASN A 319 1.76 16.81 8.19
CA ASN A 319 3.17 16.97 7.89
C ASN A 319 4.06 16.71 9.10
N VAL A 320 5.01 15.80 8.91
CA VAL A 320 5.90 15.45 10.00
C VAL A 320 7.34 15.25 9.48
N SER A 321 7.73 16.09 8.52
CA SER A 321 9.07 15.98 7.95
C SER A 321 9.96 17.21 8.18
N SER A 322 11.17 17.20 7.63
CA SER A 322 12.11 18.31 7.78
C SER A 322 11.59 19.59 7.13
N PRO A 323 12.43 20.64 7.09
CA PRO A 323 12.00 21.90 6.48
C PRO A 323 11.67 21.72 4.99
N VAL A 324 12.25 20.68 4.39
CA VAL A 324 12.03 20.36 2.98
C VAL A 324 10.58 19.94 2.74
N GLY A 325 10.26 18.73 3.16
CA GLY A 325 8.90 18.25 3.00
C GLY A 325 7.91 19.33 3.38
N THR A 326 8.19 20.00 4.49
CA THR A 326 7.30 21.07 4.98
C THR A 326 7.06 22.19 4.00
N VAL A 327 8.11 22.57 3.27
CA VAL A 327 7.98 23.65 2.32
C VAL A 327 7.29 23.14 1.06
N ALA A 328 7.50 21.88 0.75
CA ALA A 328 6.85 21.28 -0.40
C ALA A 328 5.35 21.54 -0.21
N ALA A 329 4.83 21.11 0.95
CA ALA A 329 3.43 21.30 1.30
C ALA A 329 3.02 22.76 1.34
N ALA A 330 3.88 23.62 1.88
CA ALA A 330 3.56 25.04 1.96
C ALA A 330 3.18 25.52 0.56
N HIS A 331 3.93 25.03 -0.43
CA HIS A 331 3.66 25.39 -1.79
C HIS A 331 2.24 24.97 -2.17
N VAL A 332 1.88 23.73 -1.85
CA VAL A 332 0.55 23.23 -2.16
C VAL A 332 -0.53 24.07 -1.46
N CYS A 333 -0.37 24.23 -0.15
CA CYS A 333 -1.32 25.00 0.64
C CYS A 333 -1.53 26.41 0.08
N ALA A 334 -0.54 26.93 -0.63
CA ALA A 334 -0.66 28.27 -1.18
C ALA A 334 -1.48 28.36 -2.46
N ALA A 335 -1.54 27.26 -3.21
CA ALA A 335 -2.28 27.27 -4.48
C ALA A 335 -3.66 26.65 -4.33
N VAL A 336 -4.06 26.40 -3.09
CA VAL A 336 -5.35 25.82 -2.80
C VAL A 336 -6.23 26.86 -2.11
N SER A 337 -7.38 27.18 -2.70
CA SER A 337 -8.24 28.19 -2.08
C SER A 337 -8.85 27.80 -0.73
N ASN A 338 -9.01 26.52 -0.47
CA ASN A 338 -9.60 26.07 0.78
C ASN A 338 -8.65 25.50 1.84
N PHE A 339 -7.47 26.09 1.95
CA PHE A 339 -6.48 25.67 2.94
C PHE A 339 -6.81 26.21 4.32
N ALA A 340 -6.52 25.43 5.36
CA ALA A 340 -6.76 25.88 6.73
C ALA A 340 -5.45 26.05 7.49
N VAL A 341 -4.81 24.94 7.88
CA VAL A 341 -3.53 24.97 8.59
C VAL A 341 -2.66 23.77 8.26
N LEU A 342 -1.35 24.01 8.26
CA LEU A 342 -0.35 22.99 7.99
C LEU A 342 0.27 22.54 9.32
N GLU A 343 0.44 21.24 9.47
CA GLU A 343 0.99 20.66 10.70
C GLU A 343 2.49 20.83 10.89
N TRP A 344 2.89 21.07 12.13
CA TRP A 344 4.31 21.21 12.50
C TRP A 344 4.49 20.35 13.76
N HIS A 345 5.39 19.38 13.66
CA HIS A 345 5.64 18.44 14.75
C HIS A 345 7.04 18.67 15.37
N ALA A 346 7.70 19.78 15.04
CA ALA A 346 9.06 20.04 15.52
C ALA A 346 9.31 20.95 16.74
N ILE A 347 8.30 21.18 17.56
CA ILE A 347 8.47 22.04 18.73
C ILE A 347 9.53 21.45 19.65
N ASP A 348 9.72 20.14 19.56
CA ASP A 348 10.67 19.41 20.41
C ASP A 348 12.00 19.07 19.76
N MSE A 349 12.17 19.46 18.51
CA MSE A 349 13.40 19.19 17.76
C MSE A 349 14.13 20.49 17.43
O MSE A 349 13.87 21.11 16.41
CB MSE A 349 13.03 18.45 16.46
CG MSE A 349 14.23 18.02 15.62
SE MSE A 349 13.64 17.23 13.91
CE MSE A 349 12.99 15.50 14.57
N PRO A 350 15.08 20.90 18.29
CA PRO A 350 15.85 22.13 18.13
C PRO A 350 16.69 22.28 16.86
N HIS A 351 17.20 21.17 16.35
CA HIS A 351 18.02 21.22 15.16
C HIS A 351 17.23 21.21 13.85
N TRP A 352 15.90 21.09 13.93
CA TRP A 352 15.04 21.05 12.74
C TRP A 352 15.47 21.99 11.62
N GLU A 353 15.59 23.28 11.92
CA GLU A 353 15.97 24.28 10.94
C GLU A 353 17.38 24.16 10.33
N ASP A 354 18.28 23.49 11.03
CA ASP A 354 19.65 23.34 10.54
C ASP A 354 19.77 22.44 9.30
N PHE A 355 18.69 21.76 8.97
CA PHE A 355 18.65 20.85 7.82
C PHE A 355 18.63 21.55 6.47
N VAL A 356 18.27 22.83 6.48
CA VAL A 356 18.19 23.57 5.23
C VAL A 356 18.53 25.04 5.40
N ARG A 357 18.80 25.72 4.28
CA ARG A 357 19.09 27.14 4.27
C ARG A 357 17.93 27.80 3.52
N TYR A 358 17.17 28.62 4.21
CA TYR A 358 16.02 29.29 3.61
C TYR A 358 16.34 30.78 3.46
N PRO A 359 15.81 31.43 2.41
CA PRO A 359 16.05 32.86 2.15
C PRO A 359 16.02 33.81 3.35
N GLY A 360 14.82 34.23 3.77
CA GLY A 360 14.73 35.14 4.90
C GLY A 360 15.61 34.86 6.12
N GLY A 361 15.65 33.59 6.50
CA GLY A 361 16.43 33.15 7.64
C GLY A 361 15.71 31.88 8.03
N PRO A 362 14.97 31.88 9.14
CA PRO A 362 14.26 30.66 9.51
C PRO A 362 13.07 30.48 8.56
N VAL A 363 12.58 29.25 8.45
CA VAL A 363 11.46 28.96 7.58
C VAL A 363 10.20 29.45 8.26
N ILE A 364 10.06 28.99 9.50
CA ILE A 364 8.91 29.34 10.31
C ILE A 364 9.16 30.65 11.02
N ARG A 365 8.15 31.50 11.04
CA ARG A 365 8.25 32.79 11.69
C ARG A 365 6.86 33.24 12.16
N GLU A 366 6.74 33.59 13.44
CA GLU A 366 5.46 34.03 13.97
C GLU A 366 4.34 33.03 13.75
N GLY A 367 4.68 31.75 13.78
CA GLY A 367 3.67 30.72 13.63
C GLY A 367 3.26 30.42 12.20
N HIS A 368 3.89 31.10 11.25
CA HIS A 368 3.59 30.90 9.84
C HIS A 368 4.84 30.50 9.07
N ILE A 369 4.66 30.30 7.77
CA ILE A 369 5.75 29.99 6.86
C ILE A 369 5.57 30.95 5.69
N GLU A 370 6.53 31.87 5.55
CA GLU A 370 6.53 32.90 4.53
C GLU A 370 7.25 32.46 3.24
N LEU A 371 6.48 31.95 2.28
CA LEU A 371 7.04 31.50 1.00
C LEU A 371 7.55 32.68 0.18
N THR A 372 8.70 32.49 -0.46
CA THR A 372 9.31 33.55 -1.25
C THR A 372 8.91 33.59 -2.72
N GLU A 373 9.71 34.27 -3.54
CA GLU A 373 9.43 34.38 -4.96
C GLU A 373 10.50 33.68 -5.75
N GLU A 374 11.44 33.07 -5.05
CA GLU A 374 12.54 32.37 -5.70
C GLU A 374 12.05 31.25 -6.57
N PRO A 375 12.95 30.66 -7.38
CA PRO A 375 12.58 29.55 -8.27
C PRO A 375 12.46 28.19 -7.57
N GLY A 376 11.35 27.52 -7.88
CA GLY A 376 11.03 26.19 -7.36
C GLY A 376 11.41 25.74 -5.97
N LEU A 377 10.44 25.73 -5.05
CA LEU A 377 10.67 25.30 -3.68
C LEU A 377 11.56 26.24 -2.90
N GLY A 378 12.38 27.01 -3.61
CA GLY A 378 13.28 27.97 -3.00
C GLY A 378 14.02 27.52 -1.74
N LEU A 379 14.63 26.34 -1.80
CA LEU A 379 15.36 25.81 -0.66
C LEU A 379 16.81 25.52 -1.01
N GLU A 380 17.54 25.08 0.00
CA GLU A 380 18.93 24.71 -0.15
C GLU A 380 19.30 23.85 1.04
N LEU A 381 19.48 22.55 0.76
CA LEU A 381 19.85 21.62 1.80
C LEU A 381 21.26 21.90 2.27
N ASP A 382 21.48 21.86 3.59
CA ASP A 382 22.81 22.05 4.12
C ASP A 382 23.32 20.64 4.25
N GLU A 383 24.18 20.24 3.32
CA GLU A 383 24.74 18.88 3.28
C GLU A 383 25.58 18.44 4.47
N GLU A 384 26.43 19.33 4.99
CA GLU A 384 27.25 18.97 6.13
C GLU A 384 26.34 18.77 7.36
N ALA A 385 25.33 19.63 7.47
CA ALA A 385 24.38 19.55 8.57
C ALA A 385 23.61 18.25 8.47
N ALA A 386 23.00 18.04 7.31
CA ALA A 386 22.22 16.83 7.08
C ALA A 386 23.07 15.60 7.37
N PHE A 387 24.34 15.65 6.98
CA PHE A 387 25.25 14.53 7.21
C PHE A 387 25.43 14.35 8.73
N GLU A 388 25.58 15.48 9.43
CA GLU A 388 25.74 15.51 10.87
C GLU A 388 24.55 14.87 11.59
N HIS A 389 23.49 14.61 10.84
CA HIS A 389 22.28 14.00 11.41
C HIS A 389 21.85 12.77 10.61
N ARG A 390 22.63 12.44 9.59
CA ARG A 390 22.34 11.29 8.76
C ARG A 390 21.96 10.11 9.61
N HIS A 391 20.97 9.35 9.18
CA HIS A 391 20.55 8.14 9.89
C HIS A 391 21.64 7.10 9.57
N GLU A 392 22.07 6.31 10.55
CA GLU A 392 23.13 5.33 10.29
C GLU A 392 22.75 3.85 10.45
N GLY A 395 20.75 -0.77 5.07
CA GLY A 395 21.20 0.57 5.38
C GLY A 395 21.02 1.48 4.18
N VAL A 396 20.96 2.77 4.41
CA VAL A 396 20.77 3.70 3.31
C VAL A 396 21.98 4.63 3.13
N PRO A 397 22.76 4.39 2.06
CA PRO A 397 23.96 5.15 1.70
C PRO A 397 23.64 6.65 1.52
N PHE A 398 24.57 7.50 1.94
CA PHE A 398 24.41 8.94 1.85
C PHE A 398 24.90 9.50 0.52
N PHE A 399 24.29 9.03 -0.58
CA PHE A 399 24.67 9.47 -1.92
C PHE A 399 26.02 8.85 -2.37
N GLY A 400 26.99 8.79 -1.46
CA GLY A 400 28.29 8.23 -1.79
C GLY A 400 29.21 8.11 -0.57
N SER B 4 6.44 -27.36 25.61
CA SER B 4 7.82 -26.88 25.95
C SER B 4 7.92 -25.36 25.93
N ALA B 5 6.95 -24.72 25.27
CA ALA B 5 6.87 -23.26 25.14
C ALA B 5 7.72 -22.74 24.00
N PRO B 6 7.40 -23.15 22.76
CA PRO B 6 8.19 -22.67 21.63
C PRO B 6 8.09 -21.16 21.46
N ARG B 7 9.25 -20.50 21.35
CA ARG B 7 9.30 -19.06 21.18
C ARG B 7 10.05 -18.76 19.88
N ILE B 8 9.68 -17.66 19.23
CA ILE B 8 10.34 -17.29 17.99
C ILE B 8 11.77 -16.89 18.31
N THR B 9 12.70 -17.34 17.49
CA THR B 9 14.11 -17.05 17.72
C THR B 9 14.86 -16.36 16.58
N ARG B 10 14.55 -16.68 15.33
CA ARG B 10 15.22 -16.06 14.19
C ARG B 10 14.31 -15.89 12.98
N VAL B 11 14.56 -14.81 12.23
CA VAL B 11 13.80 -14.51 11.01
C VAL B 11 14.75 -14.17 9.86
N GLU B 12 14.77 -15.02 8.82
CA GLU B 12 15.63 -14.74 7.69
C GLU B 12 14.88 -14.75 6.36
N THR B 13 15.46 -14.06 5.38
CA THR B 13 14.86 -13.93 4.06
C THR B 13 15.79 -14.52 3.00
N ALA B 14 15.37 -14.43 1.74
CA ALA B 14 16.13 -14.93 0.60
C ALA B 14 15.29 -14.64 -0.65
N ALA B 15 15.92 -14.11 -1.70
CA ALA B 15 15.21 -13.78 -2.93
C ALA B 15 15.49 -14.71 -4.12
N ILE B 16 14.50 -15.49 -4.50
CA ILE B 16 14.65 -16.41 -5.62
C ILE B 16 14.11 -15.84 -6.92
N ARG B 17 14.28 -16.59 -7.99
CA ARG B 17 13.81 -16.18 -9.32
C ARG B 17 12.72 -17.15 -9.78
N ALA B 18 11.48 -16.77 -9.51
CA ALA B 18 10.29 -17.54 -9.91
C ALA B 18 9.79 -16.96 -11.22
N VAL B 19 8.64 -16.31 -11.22
CA VAL B 19 8.19 -15.65 -12.43
C VAL B 19 8.79 -14.26 -12.34
N GLY B 20 9.13 -13.89 -11.11
CA GLY B 20 9.74 -12.61 -10.82
C GLY B 20 10.51 -12.79 -9.52
N PRO B 21 11.51 -11.94 -9.23
CA PRO B 21 12.25 -12.11 -7.96
C PRO B 21 11.32 -12.16 -6.74
N SER B 22 11.28 -13.30 -6.07
CA SER B 22 10.39 -13.44 -4.94
C SER B 22 11.08 -13.75 -3.61
N VAL B 23 10.82 -12.90 -2.62
CA VAL B 23 11.40 -13.07 -1.29
C VAL B 23 10.86 -14.32 -0.56
N LEU B 24 11.77 -15.14 -0.07
CA LEU B 24 11.44 -16.35 0.66
C LEU B 24 11.65 -16.06 2.15
N VAL B 25 10.72 -16.51 2.98
CA VAL B 25 10.85 -16.24 4.40
C VAL B 25 10.92 -17.49 5.23
N ARG B 26 11.86 -17.47 6.17
CA ARG B 26 12.08 -18.60 7.05
C ARG B 26 12.12 -18.09 8.50
N VAL B 27 11.24 -18.66 9.33
CA VAL B 27 11.15 -18.29 10.73
C VAL B 27 11.51 -19.48 11.61
N TRP B 28 12.34 -19.23 12.62
CA TRP B 28 12.79 -20.28 13.52
C TRP B 28 12.32 -20.13 14.95
N ALA B 29 11.95 -21.25 15.57
CA ALA B 29 11.56 -21.28 16.96
C ALA B 29 12.45 -22.36 17.56
N GLY B 30 13.75 -22.08 17.58
CA GLY B 30 14.70 -23.05 18.08
C GLY B 30 15.25 -23.80 16.90
N ASP B 31 15.29 -25.14 17.00
CA ASP B 31 15.80 -25.96 15.91
C ASP B 31 14.79 -25.96 14.74
N GLU B 32 13.53 -25.74 15.07
CA GLU B 32 12.43 -25.73 14.10
C GLU B 32 12.22 -24.42 13.33
N HIS B 33 11.59 -24.55 12.17
CA HIS B 33 11.32 -23.39 11.32
C HIS B 33 10.09 -23.59 10.42
N GLY B 34 9.58 -22.48 9.91
CA GLY B 34 8.44 -22.51 9.02
C GLY B 34 8.86 -21.83 7.71
N LEU B 35 8.22 -22.20 6.60
CA LEU B 35 8.57 -21.60 5.33
C LEU B 35 7.44 -20.89 4.58
N GLY B 36 7.73 -19.70 4.06
CA GLY B 36 6.74 -18.93 3.32
C GLY B 36 7.35 -18.16 2.16
N GLU B 37 6.53 -17.84 1.16
CA GLU B 37 7.00 -17.10 -0.02
C GLU B 37 6.17 -15.84 -0.29
N CYS B 38 6.85 -14.71 -0.49
CA CYS B 38 6.16 -13.46 -0.77
C CYS B 38 5.83 -13.37 -2.26
N TYR B 39 4.89 -12.49 -2.58
CA TYR B 39 4.48 -12.26 -3.96
C TYR B 39 5.58 -11.38 -4.57
N PRO B 40 5.80 -11.51 -5.88
CA PRO B 40 6.83 -10.70 -6.53
C PRO B 40 6.43 -9.23 -6.64
N SER B 41 6.65 -8.48 -5.57
CA SER B 41 6.28 -7.07 -5.58
C SER B 41 7.48 -6.12 -5.54
N ALA B 42 7.44 -5.13 -6.43
CA ALA B 42 8.47 -4.10 -6.50
C ALA B 42 9.86 -4.72 -6.38
N PRO B 43 10.84 -3.98 -5.84
CA PRO B 43 12.16 -4.63 -5.75
C PRO B 43 12.17 -5.57 -4.55
N ALA B 44 12.46 -6.84 -4.82
CA ALA B 44 12.50 -7.86 -3.78
C ALA B 44 13.28 -7.37 -2.56
N ALA B 45 14.14 -6.37 -2.78
CA ALA B 45 14.96 -5.81 -1.70
C ALA B 45 14.08 -5.09 -0.70
N GLY B 46 13.09 -4.36 -1.23
CA GLY B 46 12.16 -3.64 -0.36
C GLY B 46 11.38 -4.65 0.46
N ILE B 47 10.76 -5.61 -0.20
CA ILE B 47 10.00 -6.65 0.49
C ILE B 47 10.92 -7.23 1.59
N HIS B 48 12.17 -7.45 1.20
CA HIS B 48 13.17 -8.00 2.11
C HIS B 48 13.31 -7.18 3.37
N HIS B 49 13.66 -5.91 3.20
CA HIS B 49 13.84 -5.00 4.33
C HIS B 49 12.61 -4.90 5.22
N ILE B 50 11.45 -4.73 4.61
CA ILE B 50 10.20 -4.63 5.36
C ILE B 50 10.10 -5.84 6.27
N VAL B 51 10.26 -7.02 5.68
CA VAL B 51 10.21 -8.26 6.43
C VAL B 51 11.20 -8.25 7.59
N MSE B 52 12.43 -7.84 7.31
CA MSE B 52 13.47 -7.81 8.31
C MSE B 52 13.16 -6.84 9.44
O MSE B 52 13.30 -7.18 10.62
CB MSE B 52 14.83 -7.48 7.66
CG MSE B 52 15.95 -8.43 8.09
SE MSE B 52 15.38 -10.34 7.99
CE MSE B 52 14.48 -10.52 9.74
N ASN B 53 12.73 -5.63 9.07
CA ASN B 53 12.36 -4.57 10.01
C ASN B 53 11.30 -5.07 10.98
N MSE B 54 10.68 -6.19 10.60
CA MSE B 54 9.63 -6.81 11.37
C MSE B 54 10.07 -7.77 12.46
O MSE B 54 9.27 -8.18 13.28
CB MSE B 54 8.71 -7.57 10.43
CG MSE B 54 7.69 -6.69 9.74
SE MSE B 54 6.41 -5.99 11.03
CE MSE B 54 7.09 -4.16 11.14
N GLU B 55 11.36 -8.12 12.49
CA GLU B 55 11.86 -9.08 13.46
C GLU B 55 11.73 -8.68 14.94
N GLU B 56 12.02 -7.42 15.26
CA GLU B 56 11.95 -6.97 16.65
C GLU B 56 10.57 -7.09 17.26
N GLN B 57 9.60 -7.52 16.46
CA GLN B 57 8.24 -7.67 16.94
C GLN B 57 7.83 -9.10 17.17
N LEU B 58 8.60 -10.04 16.61
CA LEU B 58 8.27 -11.45 16.74
C LEU B 58 9.05 -12.22 17.79
N LEU B 59 10.34 -11.91 17.91
CA LEU B 59 11.19 -12.60 18.84
C LEU B 59 10.60 -12.88 20.20
N GLY B 60 10.47 -14.17 20.51
CA GLY B 60 9.92 -14.57 21.79
C GLY B 60 8.47 -14.96 21.75
N GLU B 61 7.76 -14.53 20.72
CA GLU B 61 6.34 -14.83 20.60
C GLU B 61 6.05 -16.30 20.35
N ASP B 62 4.92 -16.78 20.85
CA ASP B 62 4.49 -18.17 20.65
C ASP B 62 3.95 -18.19 19.22
N PRO B 63 4.73 -18.73 18.28
CA PRO B 63 4.35 -18.80 16.86
C PRO B 63 3.10 -19.62 16.58
N ARG B 64 2.36 -19.97 17.61
CA ARG B 64 1.16 -20.75 17.41
C ARG B 64 -0.08 -19.86 17.26
N ASP B 65 -0.04 -18.68 17.88
CA ASP B 65 -1.15 -17.75 17.77
C ASP B 65 -0.77 -16.88 16.59
N VAL B 66 -0.88 -17.47 15.41
CA VAL B 66 -0.51 -16.82 14.17
C VAL B 66 -1.35 -15.58 13.87
N GLU B 67 -2.67 -15.72 13.95
CA GLU B 67 -3.55 -14.60 13.66
C GLU B 67 -3.25 -13.39 14.55
N ARG B 68 -2.92 -13.65 15.82
CA ARG B 68 -2.59 -12.59 16.76
C ARG B 68 -1.33 -11.87 16.34
N LEU B 69 -0.43 -12.58 15.66
CA LEU B 69 0.82 -11.98 15.22
C LEU B 69 0.71 -11.13 13.95
N TYR B 70 -0.27 -11.45 13.10
CA TYR B 70 -0.48 -10.70 11.88
C TYR B 70 -1.03 -9.34 12.32
N GLU B 71 -1.99 -9.37 13.23
CA GLU B 71 -2.60 -8.17 13.76
C GLU B 71 -1.60 -7.36 14.53
N LYS B 72 -0.60 -8.03 15.08
CA LYS B 72 0.43 -7.34 15.83
C LYS B 72 1.22 -6.48 14.84
N MSE B 73 1.67 -7.12 13.76
CA MSE B 73 2.45 -6.42 12.76
C MSE B 73 1.61 -5.46 11.94
O MSE B 73 2.00 -4.31 11.72
CB MSE B 73 3.14 -7.42 11.83
CG MSE B 73 4.03 -8.43 12.52
SE MSE B 73 4.72 -9.73 11.19
CE MSE B 73 3.27 -11.05 11.32
N ARG B 74 0.46 -5.94 11.48
CA ARG B 74 -0.43 -5.11 10.69
C ARG B 74 -0.72 -3.84 11.45
N ARG B 75 -1.19 -3.98 12.69
CA ARG B 75 -1.49 -2.82 13.49
C ARG B 75 -0.22 -2.08 13.82
N TRP B 76 0.89 -2.81 13.89
CA TRP B 76 2.15 -2.18 14.21
C TRP B 76 2.51 -1.16 13.15
N ASN B 77 2.00 -1.39 11.94
CA ASN B 77 2.26 -0.53 10.81
C ASN B 77 1.21 0.54 10.50
N ILE B 78 0.32 0.84 11.44
CA ILE B 78 -0.72 1.82 11.15
C ILE B 78 -0.22 3.03 10.40
N PHE B 79 0.78 3.72 10.93
CA PHE B 79 1.28 4.91 10.28
C PHE B 79 2.50 4.65 9.40
N THR B 80 2.72 3.40 9.01
CA THR B 80 3.88 3.09 8.17
C THR B 80 3.52 2.31 6.90
N GLY B 81 2.46 2.75 6.24
CA GLY B 81 2.03 2.12 5.00
C GLY B 81 1.39 0.76 5.17
N GLY B 82 0.84 0.48 6.35
CA GLY B 82 0.21 -0.81 6.57
C GLY B 82 -1.19 -0.99 5.99
N GLN B 83 -1.83 0.06 5.49
CA GLN B 83 -3.19 -0.06 4.96
C GLN B 83 -3.23 -0.98 3.78
N ALA B 84 -2.15 -1.00 2.98
CA ALA B 84 -2.08 -1.92 1.84
C ALA B 84 -0.81 -1.81 0.98
N GLY B 85 -0.69 -2.74 0.05
CA GLY B 85 0.44 -2.78 -0.85
C GLY B 85 1.65 -3.57 -0.37
N ALA B 86 2.83 -3.02 -0.59
CA ALA B 86 4.08 -3.67 -0.21
C ALA B 86 4.08 -4.31 1.17
N VAL B 87 3.97 -3.49 2.20
CA VAL B 87 3.98 -3.95 3.60
C VAL B 87 3.07 -5.14 3.81
N ILE B 88 1.95 -5.16 3.11
CA ILE B 88 0.99 -6.25 3.22
C ILE B 88 1.50 -7.52 2.53
N THR B 89 2.10 -7.36 1.36
CA THR B 89 2.65 -8.51 0.65
C THR B 89 3.77 -9.12 1.45
N ALA B 90 4.54 -8.27 2.11
CA ALA B 90 5.65 -8.73 2.95
C ALA B 90 5.10 -9.59 4.10
N LEU B 91 4.26 -9.00 4.94
CA LEU B 91 3.67 -9.76 6.04
C LEU B 91 3.05 -11.07 5.52
N SER B 92 2.52 -11.05 4.31
CA SER B 92 1.90 -12.24 3.76
C SER B 92 2.86 -13.43 3.81
N GLY B 93 4.13 -13.14 3.50
CA GLY B 93 5.16 -14.17 3.50
C GLY B 93 5.42 -14.64 4.91
N ILE B 94 5.69 -13.68 5.78
CA ILE B 94 5.93 -14.00 7.17
C ILE B 94 4.75 -14.78 7.75
N GLU B 95 3.53 -14.43 7.33
CA GLU B 95 2.37 -15.12 7.87
C GLU B 95 2.44 -16.58 7.54
N THR B 96 2.70 -16.86 6.27
CA THR B 96 2.78 -18.21 5.77
C THR B 96 3.76 -19.05 6.57
N ALA B 97 4.94 -18.48 6.79
CA ALA B 97 5.98 -19.16 7.55
C ALA B 97 5.42 -19.63 8.88
N LEU B 98 4.90 -18.69 9.66
CA LEU B 98 4.31 -18.98 10.97
C LEU B 98 3.22 -20.04 10.92
N TRP B 99 2.36 -19.91 9.92
CA TRP B 99 1.28 -20.85 9.74
C TRP B 99 1.86 -22.21 9.44
N ASP B 100 3.08 -22.21 8.90
CA ASP B 100 3.78 -23.45 8.56
C ASP B 100 4.49 -23.97 9.80
N LEU B 101 5.27 -23.09 10.42
CA LEU B 101 6.00 -23.40 11.64
C LEU B 101 5.04 -24.05 12.62
N ALA B 102 3.95 -23.35 12.90
CA ALA B 102 2.91 -23.82 13.81
C ALA B 102 2.42 -25.24 13.47
N GLY B 103 2.22 -25.51 12.19
CA GLY B 103 1.75 -26.83 11.78
C GLY B 103 2.77 -27.91 12.06
N LYS B 104 4.04 -27.57 11.88
CA LYS B 104 5.10 -28.51 12.14
C LYS B 104 5.18 -28.77 13.64
N LEU B 105 4.96 -27.73 14.44
CA LEU B 105 4.99 -27.89 15.89
C LEU B 105 3.80 -28.73 16.36
N GLN B 106 2.58 -28.25 16.09
CA GLN B 106 1.38 -28.98 16.48
C GLN B 106 1.36 -30.33 15.77
N GLY B 107 2.10 -30.42 14.67
CA GLY B 107 2.16 -31.65 13.90
C GLY B 107 0.86 -31.97 13.20
N VAL B 108 0.39 -31.05 12.36
CA VAL B 108 -0.84 -31.23 11.62
C VAL B 108 -0.75 -30.42 10.34
N PRO B 109 -1.23 -30.98 9.22
CA PRO B 109 -1.15 -30.20 7.97
C PRO B 109 -1.85 -28.86 8.21
N VAL B 110 -1.43 -27.84 7.47
CA VAL B 110 -1.99 -26.50 7.63
C VAL B 110 -3.50 -26.38 7.47
N TYR B 111 -4.07 -27.00 6.43
CA TYR B 111 -5.52 -26.89 6.25
C TYR B 111 -6.28 -27.36 7.50
N ARG B 112 -5.67 -28.25 8.28
CA ARG B 112 -6.29 -28.74 9.50
C ARG B 112 -6.14 -27.73 10.64
N LEU B 113 -5.56 -26.58 10.32
CA LEU B 113 -5.42 -25.53 11.30
C LEU B 113 -6.36 -24.41 10.86
N LEU B 114 -6.73 -24.46 9.58
CA LEU B 114 -7.62 -23.48 8.99
C LEU B 114 -9.07 -23.95 8.99
N GLY B 115 -9.40 -24.81 9.94
CA GLY B 115 -10.76 -25.31 10.05
C GLY B 115 -11.02 -26.68 9.45
N GLY B 116 -10.08 -27.19 8.66
CA GLY B 116 -10.29 -28.50 8.06
C GLY B 116 -10.43 -28.46 6.56
N ALA B 117 -10.57 -29.63 5.94
CA ALA B 117 -10.65 -29.70 4.49
C ALA B 117 -12.00 -30.15 3.97
N PHE B 118 -12.43 -29.50 2.88
CA PHE B 118 -13.68 -29.81 2.22
C PHE B 118 -13.33 -30.74 1.06
N ARG B 119 -12.14 -30.52 0.50
CA ARG B 119 -11.63 -31.32 -0.61
C ARG B 119 -10.14 -31.50 -0.37
N ARG B 120 -9.60 -32.65 -0.80
CA ARG B 120 -8.18 -32.94 -0.59
C ARG B 120 -7.29 -32.58 -1.77
N ARG B 121 -7.84 -32.57 -2.98
CA ARG B 121 -7.06 -32.20 -4.15
C ARG B 121 -7.71 -31.04 -4.87
N VAL B 122 -6.90 -30.01 -5.15
CA VAL B 122 -7.36 -28.79 -5.79
C VAL B 122 -6.98 -28.59 -7.26
N ARG B 123 -7.99 -28.19 -8.03
CA ARG B 123 -7.85 -27.96 -9.45
C ARG B 123 -7.21 -26.60 -9.78
N LEU B 124 -6.37 -26.61 -10.80
CA LEU B 124 -5.67 -25.41 -11.23
C LEU B 124 -6.14 -24.96 -12.59
N TYR B 125 -5.63 -23.80 -13.01
CA TYR B 125 -5.90 -23.24 -14.34
C TYR B 125 -4.54 -22.74 -14.86
N ALA B 126 -4.32 -22.88 -16.16
CA ALA B 126 -3.05 -22.48 -16.75
C ALA B 126 -3.07 -21.15 -17.50
N ASP B 127 -2.21 -20.23 -17.07
CA ASP B 127 -2.09 -18.94 -17.71
C ASP B 127 -1.27 -19.20 -18.99
N CYS B 128 -1.83 -18.88 -20.14
CA CYS B 128 -1.12 -19.11 -21.38
C CYS B 128 -0.50 -17.84 -21.91
N ASN B 129 0.17 -17.11 -21.03
CA ASN B 129 0.83 -15.87 -21.41
C ASN B 129 2.02 -15.64 -20.49
N ALA B 130 2.37 -16.69 -19.75
CA ALA B 130 3.44 -16.70 -18.76
C ALA B 130 4.80 -16.09 -19.13
N GLY B 131 5.30 -16.34 -20.33
CA GLY B 131 6.61 -15.79 -20.69
C GLY B 131 6.67 -14.38 -21.26
N THR B 132 5.52 -13.84 -21.66
CA THR B 132 5.39 -12.49 -22.24
C THR B 132 5.58 -11.38 -21.23
N VAL B 133 5.60 -11.79 -19.97
CA VAL B 133 5.75 -10.93 -18.80
C VAL B 133 6.61 -9.68 -18.78
N ASP B 134 5.97 -8.54 -18.57
CA ASP B 134 6.69 -7.29 -18.43
C ASP B 134 6.48 -7.03 -16.95
N ALA B 135 7.40 -6.34 -16.30
CA ALA B 135 7.22 -6.07 -14.88
C ALA B 135 5.83 -5.49 -14.63
N ALA B 136 5.34 -4.70 -15.59
CA ALA B 136 4.03 -4.08 -15.48
C ALA B 136 2.99 -4.80 -16.33
N ALA B 137 3.18 -6.10 -16.55
CA ALA B 137 2.23 -6.89 -17.34
C ALA B 137 2.07 -6.52 -18.81
N HIS B 138 3.06 -5.83 -19.36
CA HIS B 138 3.00 -5.48 -20.78
C HIS B 138 3.60 -6.62 -21.60
N HIS B 139 3.23 -6.70 -22.88
CA HIS B 139 3.71 -7.80 -23.69
C HIS B 139 4.94 -7.50 -24.53
N ILE B 140 5.98 -8.24 -24.19
CA ILE B 140 7.31 -8.16 -24.79
C ILE B 140 7.44 -8.63 -26.24
N GLU B 141 8.44 -8.07 -26.92
CA GLU B 141 8.80 -8.39 -28.31
C GLU B 141 7.65 -8.58 -29.28
N GLY B 142 6.80 -7.56 -29.40
CA GLY B 142 5.67 -7.63 -30.31
C GLY B 142 4.28 -7.40 -29.72
N GLY B 143 3.80 -8.35 -28.90
CA GLY B 143 2.48 -8.24 -28.27
C GLY B 143 1.35 -8.72 -29.18
N LEU B 144 0.14 -8.81 -28.64
CA LEU B 144 -1.05 -9.25 -29.39
C LEU B 144 -0.83 -9.39 -30.90
N PHE B 145 -1.12 -8.34 -31.66
CA PHE B 145 -0.96 -8.37 -33.11
C PHE B 145 0.48 -8.64 -33.54
N GLU B 146 0.62 -9.27 -34.68
CA GLU B 146 1.93 -9.62 -35.23
C GLU B 146 1.61 -10.55 -36.38
N GLU B 147 2.65 -11.03 -37.05
CA GLU B 147 2.49 -11.95 -38.18
C GLU B 147 1.28 -12.85 -37.95
N GLY B 148 1.48 -13.87 -37.12
CA GLY B 148 0.41 -14.79 -36.81
C GLY B 148 0.64 -15.29 -35.40
N SER B 149 0.41 -14.43 -34.42
CA SER B 149 0.59 -14.77 -33.03
C SER B 149 -0.48 -15.79 -32.62
N ASN B 150 -1.67 -15.61 -33.16
CA ASN B 150 -2.79 -16.51 -32.87
C ASN B 150 -2.32 -17.96 -32.89
N GLU B 151 -1.44 -18.26 -33.85
CA GLU B 151 -0.89 -19.61 -33.97
C GLU B 151 -0.21 -19.95 -32.64
N GLU B 152 0.82 -19.19 -32.30
CA GLU B 152 1.58 -19.41 -31.08
C GLU B 152 0.69 -19.62 -29.86
N TYR B 153 -0.39 -18.87 -29.77
CA TYR B 153 -1.27 -19.01 -28.62
C TYR B 153 -2.08 -20.29 -28.63
N ILE B 154 -2.55 -20.70 -29.81
CA ILE B 154 -3.32 -21.93 -29.89
C ILE B 154 -2.40 -23.11 -29.52
N ALA B 155 -1.13 -22.98 -29.89
CA ALA B 155 -0.16 -24.02 -29.58
C ALA B 155 -0.12 -24.21 -28.08
N VAL B 156 0.10 -23.13 -27.36
CA VAL B 156 0.15 -23.23 -25.92
C VAL B 156 -1.17 -23.75 -25.36
N ALA B 157 -2.28 -23.12 -25.76
CA ALA B 157 -3.60 -23.56 -25.29
C ALA B 157 -3.64 -25.08 -25.29
N ARG B 158 -3.33 -25.68 -26.44
CA ARG B 158 -3.32 -27.13 -26.60
C ARG B 158 -2.26 -27.80 -25.75
N GLU B 159 -1.13 -27.12 -25.58
CA GLU B 159 -0.05 -27.63 -24.79
C GLU B 159 -0.56 -27.83 -23.36
N ALA B 160 -1.39 -26.89 -22.90
CA ALA B 160 -1.97 -26.93 -21.56
C ALA B 160 -2.99 -28.05 -21.39
N VAL B 161 -3.83 -28.22 -22.40
CA VAL B 161 -4.85 -29.27 -22.37
C VAL B 161 -4.12 -30.61 -22.31
N GLU B 162 -3.09 -30.75 -23.14
CA GLU B 162 -2.30 -31.97 -23.16
C GLU B 162 -1.68 -32.18 -21.79
N ARG B 163 -1.11 -31.10 -21.26
CA ARG B 163 -0.47 -31.12 -19.95
C ARG B 163 -1.41 -31.59 -18.86
N GLY B 164 -2.71 -31.63 -19.16
CA GLY B 164 -3.69 -32.09 -18.20
C GLY B 164 -4.61 -31.04 -17.62
N PHE B 165 -4.63 -29.86 -18.24
CA PHE B 165 -5.47 -28.78 -17.76
C PHE B 165 -6.77 -28.64 -18.56
N ASP B 166 -7.80 -28.11 -17.91
CA ASP B 166 -9.08 -27.92 -18.57
C ASP B 166 -9.61 -26.52 -18.23
N ALA B 167 -8.67 -25.65 -17.90
CA ALA B 167 -8.93 -24.26 -17.56
C ALA B 167 -7.74 -23.42 -18.06
N ILE B 168 -8.01 -22.56 -19.02
CA ILE B 168 -6.97 -21.72 -19.62
C ILE B 168 -7.17 -20.24 -19.39
N LYS B 169 -6.08 -19.49 -19.22
CA LYS B 169 -6.18 -18.03 -19.05
C LYS B 169 -5.39 -17.31 -20.16
N LEU B 170 -5.98 -16.25 -20.70
CA LEU B 170 -5.37 -15.49 -21.79
C LEU B 170 -5.46 -13.96 -21.72
N ASP B 171 -4.44 -13.30 -22.28
CA ASP B 171 -4.39 -11.84 -22.30
C ASP B 171 -4.89 -11.29 -23.62
N VAL B 172 -5.31 -10.03 -23.61
CA VAL B 172 -5.82 -9.40 -24.82
C VAL B 172 -5.55 -7.90 -24.87
N ASP B 173 -4.57 -7.45 -24.08
CA ASP B 173 -4.18 -6.05 -24.05
C ASP B 173 -2.78 -5.81 -24.63
N ASP B 174 -2.67 -4.79 -25.47
CA ASP B 174 -1.41 -4.42 -26.11
C ASP B 174 -1.34 -2.89 -26.19
N ILE B 175 -1.32 -2.26 -25.02
CA ILE B 175 -1.27 -0.80 -24.89
C ILE B 175 -0.04 -0.18 -25.55
N THR B 176 1.01 -1.00 -25.70
CA THR B 176 2.26 -0.56 -26.29
C THR B 176 2.32 -1.07 -27.73
N GLY B 177 1.23 -1.65 -28.19
CA GLY B 177 1.19 -2.18 -29.55
C GLY B 177 0.89 -1.08 -30.56
N PRO B 178 1.15 -1.33 -31.85
CA PRO B 178 0.91 -0.37 -32.93
C PRO B 178 -0.56 -0.01 -33.10
N LEU B 179 -1.46 -0.87 -32.64
CA LEU B 179 -2.89 -0.60 -32.80
C LEU B 179 -3.53 0.21 -31.68
N HIS B 180 -2.74 0.66 -30.71
CA HIS B 180 -3.26 1.46 -29.59
C HIS B 180 -2.83 2.91 -29.76
N ARG B 181 -3.78 3.77 -30.13
CA ARG B 181 -3.52 5.19 -30.37
C ARG B 181 -2.82 6.01 -29.28
N ASP B 182 -3.19 5.81 -28.03
CA ASP B 182 -2.60 6.59 -26.95
C ASP B 182 -2.32 5.72 -25.72
N PHE B 183 -1.20 5.97 -25.07
CA PHE B 183 -0.81 5.18 -23.90
C PHE B 183 -1.43 5.64 -22.59
N TRP B 184 -1.97 6.85 -22.56
CA TRP B 184 -2.53 7.40 -21.33
C TRP B 184 -4.04 7.22 -21.11
N ASN B 185 -4.85 7.38 -22.17
CA ASN B 185 -6.26 7.13 -22.01
C ASN B 185 -6.37 5.60 -22.15
N GLY B 186 -7.56 5.05 -21.94
CA GLY B 186 -7.67 3.61 -22.05
C GLY B 186 -8.62 3.20 -23.14
N ALA B 187 -8.65 4.00 -24.20
CA ALA B 187 -9.55 3.76 -25.32
C ALA B 187 -9.08 2.61 -26.19
N ILE B 188 -10.03 1.87 -26.76
CA ILE B 188 -9.71 0.74 -27.65
C ILE B 188 -10.17 1.18 -29.03
N SER B 189 -9.27 1.17 -30.00
CA SER B 189 -9.60 1.59 -31.34
C SER B 189 -10.46 0.58 -32.07
N PRO B 190 -11.11 1.01 -33.17
CA PRO B 190 -11.96 0.10 -33.94
C PRO B 190 -11.25 -1.21 -34.30
N ARG B 191 -10.08 -1.08 -34.94
CA ARG B 191 -9.26 -2.22 -35.37
C ARG B 191 -8.52 -2.99 -34.26
N GLU B 192 -8.16 -2.29 -33.19
CA GLU B 192 -7.48 -2.87 -32.04
C GLU B 192 -8.51 -3.79 -31.36
N HIS B 193 -9.76 -3.38 -31.48
CA HIS B 193 -10.88 -4.11 -30.91
C HIS B 193 -11.09 -5.43 -31.66
N GLU B 194 -11.10 -5.38 -32.99
CA GLU B 194 -11.29 -6.59 -33.76
C GLU B 194 -10.13 -7.52 -33.49
N ALA B 195 -8.94 -6.95 -33.39
CA ALA B 195 -7.74 -7.74 -33.13
C ALA B 195 -7.94 -8.58 -31.87
N MSE B 196 -8.46 -7.96 -30.83
CA MSE B 196 -8.67 -8.66 -29.57
C MSE B 196 -9.69 -9.78 -29.63
O MSE B 196 -9.44 -10.89 -29.14
CB MSE B 196 -9.07 -7.64 -28.51
CG MSE B 196 -7.92 -6.73 -28.11
SE MSE B 196 -8.54 -5.05 -27.28
CE MSE B 196 -9.08 -5.77 -25.52
N VAL B 197 -10.84 -9.51 -30.24
CA VAL B 197 -11.87 -10.52 -30.37
C VAL B 197 -11.33 -11.67 -31.21
N ALA B 198 -10.45 -11.34 -32.15
CA ALA B 198 -9.87 -12.33 -33.02
C ALA B 198 -9.08 -13.31 -32.19
N ARG B 199 -8.27 -12.79 -31.26
CA ARG B 199 -7.46 -13.64 -30.41
C ARG B 199 -8.40 -14.57 -29.66
N VAL B 200 -9.47 -14.01 -29.13
CA VAL B 200 -10.42 -14.80 -28.38
C VAL B 200 -10.99 -15.90 -29.29
N ALA B 201 -11.65 -15.52 -30.36
CA ALA B 201 -12.24 -16.51 -31.27
C ALA B 201 -11.30 -17.65 -31.63
N ALA B 202 -10.09 -17.29 -32.05
CA ALA B 202 -9.06 -18.24 -32.45
C ALA B 202 -8.78 -19.31 -31.43
N VAL B 203 -8.71 -18.90 -30.17
CA VAL B 203 -8.41 -19.85 -29.11
C VAL B 203 -9.63 -20.72 -28.77
N ARG B 204 -10.81 -20.11 -28.78
CA ARG B 204 -12.02 -20.87 -28.47
C ARG B 204 -12.27 -22.00 -29.49
N GLU B 205 -12.32 -21.64 -30.77
CA GLU B 205 -12.57 -22.61 -31.84
C GLU B 205 -11.58 -23.76 -31.81
N ALA B 206 -10.38 -23.48 -31.36
CA ALA B 206 -9.34 -24.49 -31.30
C ALA B 206 -9.52 -25.51 -30.19
N VAL B 207 -9.60 -25.02 -28.96
CA VAL B 207 -9.71 -25.88 -27.81
C VAL B 207 -11.06 -26.54 -27.56
N GLY B 208 -12.13 -25.94 -28.05
CA GLY B 208 -13.43 -26.56 -27.81
C GLY B 208 -14.23 -25.89 -26.71
N PRO B 209 -15.55 -26.17 -26.65
CA PRO B 209 -16.46 -25.61 -25.65
C PRO B 209 -16.47 -26.18 -24.24
N GLU B 210 -15.81 -27.30 -24.00
CA GLU B 210 -15.83 -27.86 -22.66
C GLU B 210 -14.64 -27.40 -21.83
N VAL B 211 -13.58 -26.96 -22.50
CA VAL B 211 -12.42 -26.46 -21.78
C VAL B 211 -12.81 -25.06 -21.32
N GLU B 212 -12.43 -24.69 -20.11
CA GLU B 212 -12.79 -23.36 -19.62
C GLU B 212 -11.73 -22.29 -19.86
N VAL B 213 -12.13 -21.23 -20.52
CA VAL B 213 -11.20 -20.16 -20.81
C VAL B 213 -11.59 -18.79 -20.28
N ALA B 214 -10.68 -18.20 -19.50
CA ALA B 214 -10.86 -16.89 -18.92
C ALA B 214 -9.87 -15.94 -19.60
N ILE B 215 -10.22 -14.65 -19.63
CA ILE B 215 -9.42 -13.61 -20.28
C ILE B 215 -9.10 -12.39 -19.40
N ASP B 216 -7.83 -12.00 -19.38
CA ASP B 216 -7.36 -10.88 -18.56
C ASP B 216 -7.17 -9.64 -19.43
N MSE B 217 -7.60 -8.49 -18.92
CA MSE B 217 -7.45 -7.21 -19.60
C MSE B 217 -6.45 -6.32 -18.88
O MSE B 217 -6.22 -5.18 -19.27
CB MSE B 217 -8.79 -6.49 -19.71
CG MSE B 217 -9.81 -7.21 -20.56
SE MSE B 217 -11.36 -6.04 -21.08
CE MSE B 217 -12.70 -6.76 -19.91
N HIS B 218 -5.87 -6.84 -17.81
CA HIS B 218 -4.88 -6.12 -17.02
C HIS B 218 -5.30 -4.70 -16.67
N GLY B 219 -6.61 -4.51 -16.51
CA GLY B 219 -7.22 -3.24 -16.18
C GLY B 219 -6.57 -2.00 -16.77
N ARG B 220 -6.80 -1.78 -18.07
CA ARG B 220 -6.19 -0.65 -18.74
C ARG B 220 -7.19 0.24 -19.49
N PHE B 221 -8.48 -0.03 -19.39
CA PHE B 221 -9.42 0.77 -20.19
C PHE B 221 -10.53 1.56 -19.54
N ASP B 222 -11.01 2.54 -20.30
CA ASP B 222 -12.07 3.44 -19.90
C ASP B 222 -13.43 2.74 -19.99
N ILE B 223 -14.43 3.39 -19.41
CA ILE B 223 -15.77 2.84 -19.40
C ILE B 223 -16.26 2.37 -20.78
N PRO B 224 -16.23 3.25 -21.80
CA PRO B 224 -16.67 2.91 -23.14
C PRO B 224 -16.02 1.66 -23.74
N SER B 225 -14.70 1.63 -23.74
CA SER B 225 -13.98 0.50 -24.29
C SER B 225 -14.32 -0.81 -23.53
N SER B 226 -14.31 -0.74 -22.20
CA SER B 226 -14.61 -1.91 -21.39
C SER B 226 -15.97 -2.48 -21.77
N ILE B 227 -16.98 -1.61 -21.76
CA ILE B 227 -18.34 -1.98 -22.09
C ILE B 227 -18.50 -2.55 -23.49
N ARG B 228 -17.93 -1.87 -24.47
CA ARG B 228 -18.03 -2.33 -25.84
C ARG B 228 -17.33 -3.67 -26.00
N PHE B 229 -16.19 -3.84 -25.33
CA PHE B 229 -15.48 -5.10 -25.46
C PHE B 229 -16.18 -6.22 -24.72
N ALA B 230 -16.73 -5.89 -23.56
CA ALA B 230 -17.45 -6.89 -22.75
C ALA B 230 -18.66 -7.42 -23.51
N ARG B 231 -19.46 -6.51 -24.07
CA ARG B 231 -20.63 -6.92 -24.81
C ARG B 231 -20.23 -7.91 -25.91
N ALA B 232 -19.00 -7.80 -26.36
CA ALA B 232 -18.54 -8.70 -27.41
C ALA B 232 -18.06 -10.02 -26.85
N MSE B 233 -17.69 -10.05 -25.59
CA MSE B 233 -17.23 -11.28 -24.98
C MSE B 233 -18.37 -12.22 -24.65
O MSE B 233 -18.15 -13.38 -24.28
CB MSE B 233 -16.42 -10.99 -23.72
CG MSE B 233 -15.01 -10.51 -24.04
SE MSE B 233 -14.08 -11.85 -25.18
CE MSE B 233 -14.43 -11.07 -26.98
N GLU B 234 -19.60 -11.73 -24.81
CA GLU B 234 -20.76 -12.54 -24.48
C GLU B 234 -20.91 -13.87 -25.23
N PRO B 235 -20.74 -13.87 -26.55
CA PRO B 235 -20.89 -15.14 -27.28
C PRO B 235 -19.90 -16.29 -27.00
N PHE B 236 -18.72 -15.98 -26.49
CA PHE B 236 -17.73 -17.03 -26.26
C PHE B 236 -17.82 -17.80 -24.96
N GLY B 237 -18.87 -17.53 -24.17
CA GLY B 237 -19.04 -18.20 -22.90
C GLY B 237 -17.77 -18.28 -22.08
N LEU B 238 -17.08 -17.16 -21.90
CA LEU B 238 -15.84 -17.13 -21.14
C LEU B 238 -16.06 -17.57 -19.70
N LEU B 239 -14.98 -17.98 -19.04
CA LEU B 239 -15.08 -18.40 -17.65
C LEU B 239 -15.39 -17.11 -16.88
N TRP B 240 -14.72 -16.04 -17.31
CA TRP B 240 -14.90 -14.72 -16.75
C TRP B 240 -14.02 -13.77 -17.54
N LEU B 241 -14.21 -12.48 -17.29
CA LEU B 241 -13.44 -11.44 -17.95
C LEU B 241 -12.77 -10.67 -16.81
N GLU B 242 -11.44 -10.71 -16.78
CA GLU B 242 -10.61 -10.09 -15.74
C GLU B 242 -10.25 -8.61 -15.90
N GLU B 243 -10.51 -7.84 -14.86
CA GLU B 243 -10.19 -6.42 -14.80
C GLU B 243 -10.26 -5.55 -16.06
N PRO B 244 -11.47 -5.16 -16.50
CA PRO B 244 -11.55 -4.32 -17.69
C PRO B 244 -11.10 -2.89 -17.38
N THR B 245 -11.31 -2.43 -16.15
CA THR B 245 -10.93 -1.07 -15.80
C THR B 245 -9.82 -1.08 -14.76
N PRO B 246 -9.18 0.10 -14.55
CA PRO B 246 -8.09 0.28 -13.57
C PRO B 246 -8.57 -0.15 -12.18
N PRO B 247 -7.66 -0.72 -11.37
CA PRO B 247 -7.95 -1.20 -10.02
C PRO B 247 -8.30 -0.20 -8.91
N GLU B 248 -8.35 1.08 -9.22
CA GLU B 248 -8.66 2.06 -8.20
C GLU B 248 -10.16 2.17 -7.87
N ASN B 249 -10.94 2.59 -8.86
CA ASN B 249 -12.38 2.78 -8.70
C ASN B 249 -13.18 1.50 -8.94
N LEU B 250 -13.80 0.99 -7.87
CA LEU B 250 -14.58 -0.24 -7.99
C LEU B 250 -15.98 0.01 -8.52
N ASP B 251 -16.47 1.23 -8.33
CA ASP B 251 -17.78 1.61 -8.81
C ASP B 251 -17.77 1.40 -10.32
N ALA B 252 -16.63 1.72 -10.92
CA ALA B 252 -16.47 1.59 -12.36
C ALA B 252 -16.56 0.13 -12.77
N LEU B 253 -15.82 -0.72 -12.05
CA LEU B 253 -15.81 -2.14 -12.31
C LEU B 253 -17.22 -2.65 -12.18
N ALA B 254 -17.95 -2.12 -11.21
CA ALA B 254 -19.33 -2.52 -10.97
C ALA B 254 -20.24 -2.04 -12.09
N GLU B 255 -19.96 -0.85 -12.62
CA GLU B 255 -20.78 -0.31 -13.69
C GLU B 255 -20.63 -1.18 -14.92
N VAL B 256 -19.44 -1.71 -15.13
CA VAL B 256 -19.20 -2.59 -16.26
C VAL B 256 -19.96 -3.93 -16.09
N ARG B 257 -19.89 -4.48 -14.87
CA ARG B 257 -20.55 -5.74 -14.60
C ARG B 257 -22.05 -5.70 -14.85
N ARG B 258 -22.66 -4.54 -14.60
CA ARG B 258 -24.11 -4.40 -14.82
C ARG B 258 -24.38 -4.32 -16.30
N SER B 259 -23.33 -4.07 -17.07
CA SER B 259 -23.47 -3.93 -18.50
C SER B 259 -23.64 -5.20 -19.29
N THR B 260 -22.78 -6.17 -19.04
CA THR B 260 -22.81 -7.39 -19.82
C THR B 260 -23.23 -8.65 -19.07
N SER B 261 -23.37 -9.73 -19.83
CA SER B 261 -23.71 -11.04 -19.29
C SER B 261 -22.42 -11.82 -19.15
N THR B 262 -21.31 -11.18 -19.50
CA THR B 262 -20.02 -11.80 -19.38
C THR B 262 -19.61 -11.68 -17.90
N PRO B 263 -19.24 -12.81 -17.25
CA PRO B 263 -18.83 -12.81 -15.84
C PRO B 263 -17.62 -11.93 -15.57
N ILE B 264 -17.74 -11.07 -14.56
CA ILE B 264 -16.65 -10.18 -14.20
C ILE B 264 -15.91 -10.71 -13.00
N CYS B 265 -14.60 -10.75 -13.10
CA CYS B 265 -13.77 -11.23 -12.02
C CYS B 265 -12.66 -10.24 -11.73
N ALA B 266 -12.32 -10.10 -10.46
CA ALA B 266 -11.26 -9.18 -10.07
C ALA B 266 -10.82 -9.50 -8.66
N GLY B 267 -9.78 -8.82 -8.19
CA GLY B 267 -9.32 -9.07 -6.83
C GLY B 267 -7.83 -9.17 -6.58
N GLU B 268 -7.03 -9.26 -7.62
CA GLU B 268 -5.58 -9.36 -7.42
C GLU B 268 -4.91 -8.05 -7.03
N ASN B 269 -5.61 -6.94 -7.16
CA ASN B 269 -5.03 -5.66 -6.81
C ASN B 269 -5.66 -5.02 -5.57
N VAL B 270 -6.48 -5.77 -4.86
CA VAL B 270 -7.11 -5.25 -3.65
C VAL B 270 -6.57 -6.06 -2.46
N TYR B 271 -6.16 -5.37 -1.40
CA TYR B 271 -5.60 -6.04 -0.23
C TYR B 271 -6.51 -5.93 0.99
N THR B 272 -6.38 -6.89 1.91
CA THR B 272 -7.15 -6.92 3.18
C THR B 272 -8.66 -7.08 3.14
N ARG B 273 -9.17 -7.70 4.19
CA ARG B 273 -10.58 -7.94 4.33
C ARG B 273 -11.37 -6.65 4.23
N PHE B 274 -10.83 -5.59 4.81
CA PHE B 274 -11.51 -4.30 4.76
C PHE B 274 -11.81 -3.82 3.35
N ASP B 275 -10.93 -4.14 2.41
CA ASP B 275 -11.15 -3.70 1.06
C ASP B 275 -12.03 -4.62 0.24
N PHE B 276 -12.00 -5.91 0.54
CA PHE B 276 -12.87 -6.82 -0.19
C PHE B 276 -14.30 -6.61 0.28
N ARG B 277 -14.46 -6.09 1.49
CA ARG B 277 -15.78 -5.81 2.01
C ARG B 277 -16.45 -4.83 1.09
N GLU B 278 -15.76 -3.73 0.80
CA GLU B 278 -16.27 -2.71 -0.09
C GLU B 278 -16.53 -3.30 -1.46
N LEU B 279 -15.65 -4.19 -1.90
CA LEU B 279 -15.83 -4.84 -3.19
C LEU B 279 -17.19 -5.53 -3.22
N PHE B 280 -17.34 -6.53 -2.35
CA PHE B 280 -18.59 -7.26 -2.27
C PHE B 280 -19.75 -6.33 -2.02
N ALA B 281 -19.49 -5.25 -1.30
CA ALA B 281 -20.54 -4.26 -1.01
C ALA B 281 -21.13 -3.70 -2.29
N LYS B 282 -20.26 -3.27 -3.21
CA LYS B 282 -20.70 -2.72 -4.48
C LYS B 282 -21.23 -3.78 -5.44
N ARG B 283 -21.14 -5.05 -5.08
CA ARG B 283 -21.59 -6.14 -5.94
C ARG B 283 -20.89 -6.00 -7.30
N ALA B 284 -19.57 -5.91 -7.27
CA ALA B 284 -18.80 -5.70 -8.50
C ALA B 284 -18.21 -6.92 -9.18
N VAL B 285 -18.28 -8.08 -8.54
CA VAL B 285 -17.69 -9.28 -9.13
C VAL B 285 -18.57 -10.50 -9.16
N ASP B 286 -18.31 -11.35 -10.15
CA ASP B 286 -19.01 -12.61 -10.27
C ASP B 286 -18.08 -13.58 -9.58
N TYR B 287 -16.77 -13.32 -9.68
CA TYR B 287 -15.72 -14.11 -9.06
C TYR B 287 -14.77 -13.21 -8.31
N VAL B 288 -14.04 -13.79 -7.36
CA VAL B 288 -13.08 -13.03 -6.58
C VAL B 288 -11.76 -13.75 -6.70
N MSE B 289 -10.68 -12.99 -6.73
CA MSE B 289 -9.39 -13.62 -6.87
C MSE B 289 -8.25 -12.89 -6.21
O MSE B 289 -7.43 -12.29 -6.90
CB MSE B 289 -9.09 -13.82 -8.33
CG MSE B 289 -9.18 -12.56 -9.13
SE MSE B 289 -8.61 -12.84 -10.99
CE MSE B 289 -6.75 -12.16 -10.86
N PRO B 290 -8.17 -12.91 -4.88
CA PRO B 290 -7.05 -12.21 -4.24
C PRO B 290 -5.83 -13.11 -4.37
N ASP B 291 -4.69 -12.63 -3.89
CA ASP B 291 -3.45 -13.41 -3.97
C ASP B 291 -2.90 -13.62 -2.56
N VAL B 292 -3.04 -14.83 -2.04
CA VAL B 292 -2.58 -15.16 -0.70
C VAL B 292 -1.21 -14.62 -0.31
N ALA B 293 -0.28 -14.61 -1.26
CA ALA B 293 1.06 -14.12 -0.97
C ALA B 293 1.19 -12.63 -1.21
N LYS B 294 0.06 -11.98 -1.47
CA LYS B 294 0.08 -10.55 -1.72
C LYS B 294 -0.91 -9.79 -0.83
N CYS B 295 -2.12 -10.35 -0.70
CA CYS B 295 -3.21 -9.73 0.07
C CYS B 295 -3.04 -9.62 1.58
N GLY B 296 -2.49 -10.65 2.21
CA GLY B 296 -2.30 -10.60 3.65
C GLY B 296 -1.96 -11.90 4.35
N GLY B 297 -2.15 -13.02 3.65
CA GLY B 297 -1.84 -14.31 4.24
C GLY B 297 -2.99 -15.28 4.11
N LEU B 298 -2.72 -16.55 4.43
CA LEU B 298 -3.73 -17.60 4.34
C LEU B 298 -4.96 -17.23 5.14
N ALA B 299 -4.76 -16.82 6.38
CA ALA B 299 -5.86 -16.42 7.24
C ALA B 299 -6.70 -15.34 6.55
N GLU B 300 -6.05 -14.24 6.17
CA GLU B 300 -6.73 -13.14 5.47
C GLU B 300 -7.49 -13.69 4.29
N ALA B 301 -6.78 -14.42 3.44
CA ALA B 301 -7.38 -15.01 2.26
C ALA B 301 -8.59 -15.88 2.61
N LYS B 302 -8.57 -16.56 3.76
CA LYS B 302 -9.72 -17.40 4.12
C LYS B 302 -10.93 -16.52 4.49
N ARG B 303 -10.67 -15.48 5.27
CA ARG B 303 -11.72 -14.53 5.65
C ARG B 303 -12.34 -14.00 4.37
N ILE B 304 -11.48 -13.58 3.43
CA ILE B 304 -11.93 -13.05 2.15
C ILE B 304 -12.87 -14.01 1.44
N ALA B 305 -12.53 -15.29 1.44
CA ALA B 305 -13.35 -16.32 0.80
C ALA B 305 -14.68 -16.43 1.51
N ASN B 306 -14.64 -16.33 2.84
CA ASN B 306 -15.84 -16.40 3.67
C ASN B 306 -16.81 -15.28 3.38
N LEU B 307 -16.27 -14.09 3.15
CA LEU B 307 -17.10 -12.93 2.85
C LEU B 307 -17.87 -13.18 1.57
N ALA B 308 -17.15 -13.69 0.57
CA ALA B 308 -17.74 -14.01 -0.73
C ALA B 308 -18.76 -15.14 -0.62
N GLU B 309 -18.47 -16.11 0.25
CA GLU B 309 -19.35 -17.25 0.44
C GLU B 309 -20.72 -16.69 0.78
N LEU B 310 -20.73 -15.69 1.64
CA LEU B 310 -21.97 -15.06 2.04
C LEU B 310 -22.82 -14.71 0.84
N ASP B 311 -22.18 -14.23 -0.22
CA ASP B 311 -22.91 -13.83 -1.43
C ASP B 311 -22.96 -14.86 -2.54
N TYR B 312 -22.57 -16.10 -2.24
CA TYR B 312 -22.57 -17.19 -3.19
C TYR B 312 -21.64 -16.90 -4.37
N ILE B 313 -20.51 -16.29 -4.06
CA ILE B 313 -19.50 -15.94 -5.05
C ILE B 313 -18.26 -16.83 -4.99
N PRO B 314 -17.85 -17.40 -6.13
CA PRO B 314 -16.68 -18.28 -6.23
C PRO B 314 -15.36 -17.64 -5.82
N PHE B 315 -14.52 -18.42 -5.15
CA PHE B 315 -13.20 -18.01 -4.70
C PHE B 315 -12.11 -18.63 -5.58
N ALA B 316 -11.42 -17.81 -6.36
CA ALA B 316 -10.38 -18.32 -7.25
C ALA B 316 -9.16 -17.43 -7.18
N PRO B 317 -8.33 -17.61 -6.15
CA PRO B 317 -7.12 -16.80 -5.95
C PRO B 317 -6.16 -16.71 -7.14
N HIS B 318 -5.50 -15.55 -7.23
CA HIS B 318 -4.52 -15.24 -8.26
C HIS B 318 -3.21 -15.81 -7.71
N ASN B 319 -2.47 -16.53 -8.53
CA ASN B 319 -1.23 -17.16 -8.09
C ASN B 319 -0.10 -16.90 -9.08
N VAL B 320 1.02 -16.41 -8.57
CA VAL B 320 2.16 -16.14 -9.42
C VAL B 320 3.45 -16.51 -8.68
N SER B 321 3.34 -17.48 -7.78
CA SER B 321 4.50 -17.91 -6.99
C SER B 321 4.95 -19.32 -7.29
N SER B 322 6.08 -19.70 -6.69
CA SER B 322 6.68 -21.02 -6.86
C SER B 322 5.94 -22.10 -6.08
N PRO B 323 6.52 -23.31 -5.96
CA PRO B 323 5.83 -24.36 -5.21
C PRO B 323 5.48 -23.99 -3.76
N VAL B 324 6.29 -23.13 -3.15
CA VAL B 324 6.04 -22.74 -1.77
C VAL B 324 4.73 -21.94 -1.64
N GLY B 325 4.67 -20.79 -2.28
CA GLY B 325 3.46 -19.98 -2.22
C GLY B 325 2.28 -20.77 -2.75
N THR B 326 2.48 -21.36 -3.93
CA THR B 326 1.43 -22.13 -4.55
C THR B 326 0.78 -23.17 -3.67
N VAL B 327 1.58 -23.98 -2.99
CA VAL B 327 0.99 -25.01 -2.17
C VAL B 327 0.18 -24.44 -1.02
N ALA B 328 0.71 -23.43 -0.33
CA ALA B 328 -0.01 -22.81 0.77
C ALA B 328 -1.38 -22.37 0.26
N ALA B 329 -1.39 -21.79 -0.94
CA ALA B 329 -2.61 -21.34 -1.56
C ALA B 329 -3.65 -22.47 -1.63
N ALA B 330 -3.18 -23.68 -1.93
CA ALA B 330 -4.07 -24.84 -2.03
C ALA B 330 -4.61 -25.24 -0.66
N HIS B 331 -3.84 -24.98 0.39
CA HIS B 331 -4.33 -25.31 1.71
C HIS B 331 -5.60 -24.54 1.98
N VAL B 332 -5.57 -23.26 1.62
CA VAL B 332 -6.72 -22.37 1.78
C VAL B 332 -7.82 -22.82 0.83
N CYS B 333 -7.44 -23.18 -0.40
CA CYS B 333 -8.41 -23.65 -1.38
C CYS B 333 -9.17 -24.86 -0.83
N ALA B 334 -8.53 -25.61 0.06
CA ALA B 334 -9.13 -26.79 0.63
C ALA B 334 -10.10 -26.51 1.75
N ALA B 335 -9.77 -25.51 2.57
CA ALA B 335 -10.56 -25.12 3.74
C ALA B 335 -11.79 -24.24 3.48
N VAL B 336 -12.16 -24.07 2.21
CA VAL B 336 -13.31 -23.23 1.91
C VAL B 336 -14.23 -23.90 0.92
N SER B 337 -15.54 -23.79 1.16
CA SER B 337 -16.54 -24.43 0.32
C SER B 337 -16.69 -23.82 -1.07
N ASN B 338 -16.42 -22.52 -1.19
CA ASN B 338 -16.57 -21.85 -2.47
C ASN B 338 -15.31 -21.80 -3.34
N PHE B 339 -14.44 -22.78 -3.20
CA PHE B 339 -13.25 -22.78 -4.03
C PHE B 339 -13.62 -23.18 -5.44
N ALA B 340 -12.98 -22.56 -6.41
CA ALA B 340 -13.23 -22.83 -7.82
C ALA B 340 -11.95 -23.33 -8.52
N VAL B 341 -11.01 -22.43 -8.81
CA VAL B 341 -9.75 -22.81 -9.45
C VAL B 341 -8.60 -21.93 -9.03
N LEU B 342 -7.45 -22.57 -8.85
CA LEU B 342 -6.24 -21.85 -8.46
C LEU B 342 -5.39 -21.66 -9.72
N GLU B 343 -4.69 -20.53 -9.77
CA GLU B 343 -3.87 -20.21 -10.92
C GLU B 343 -2.47 -20.77 -10.87
N TRP B 344 -1.97 -21.14 -12.04
CA TRP B 344 -0.60 -21.63 -12.20
C TRP B 344 -0.11 -20.73 -13.33
N HIS B 345 1.03 -20.10 -13.12
CA HIS B 345 1.58 -19.17 -14.10
C HIS B 345 2.99 -19.62 -14.51
N ALA B 346 3.28 -20.91 -14.37
CA ALA B 346 4.62 -21.41 -14.70
C ALA B 346 4.73 -22.48 -15.79
N ILE B 347 3.81 -22.46 -16.75
CA ILE B 347 3.81 -23.43 -17.82
C ILE B 347 5.08 -23.26 -18.68
N ASP B 348 5.70 -22.08 -18.58
CA ASP B 348 6.87 -21.78 -19.38
C ASP B 348 8.25 -21.95 -18.73
N MSE B 349 8.31 -22.44 -17.50
CA MSE B 349 9.61 -22.64 -16.85
C MSE B 349 9.76 -24.06 -16.30
O MSE B 349 9.12 -24.46 -15.32
CB MSE B 349 9.85 -21.61 -15.73
CG MSE B 349 8.96 -21.75 -14.50
SE MSE B 349 9.58 -20.58 -13.05
CE MSE B 349 10.61 -21.89 -12.00
N PRO B 350 10.65 -24.84 -16.93
CA PRO B 350 10.94 -26.23 -16.58
C PRO B 350 11.36 -26.53 -15.14
N HIS B 351 12.03 -25.59 -14.50
CA HIS B 351 12.50 -25.83 -13.13
C HIS B 351 11.57 -25.41 -12.01
N TRP B 352 10.31 -25.13 -12.34
CA TRP B 352 9.36 -24.72 -11.32
C TRP B 352 9.29 -25.74 -10.18
N GLU B 353 9.20 -27.01 -10.52
CA GLU B 353 9.10 -28.05 -9.51
C GLU B 353 10.39 -28.37 -8.77
N ASP B 354 11.52 -28.03 -9.37
CA ASP B 354 12.80 -28.33 -8.74
C ASP B 354 13.13 -27.48 -7.52
N PHE B 355 12.16 -26.71 -7.06
CA PHE B 355 12.37 -25.84 -5.89
C PHE B 355 12.00 -26.47 -4.57
N VAL B 356 11.07 -27.42 -4.63
CA VAL B 356 10.57 -28.05 -3.42
C VAL B 356 10.47 -29.55 -3.59
N ARG B 357 10.78 -30.28 -2.53
CA ARG B 357 10.66 -31.74 -2.56
C ARG B 357 9.24 -32.03 -2.04
N TYR B 358 8.38 -32.55 -2.90
CA TYR B 358 6.99 -32.84 -2.53
C TYR B 358 6.72 -34.32 -2.32
N PRO B 359 6.06 -34.66 -1.20
CA PRO B 359 5.67 -36.00 -0.75
C PRO B 359 5.73 -37.15 -1.74
N GLY B 360 4.84 -37.14 -2.74
CA GLY B 360 4.83 -38.21 -3.73
C GLY B 360 5.87 -37.96 -4.81
N GLY B 361 5.40 -37.52 -5.97
CA GLY B 361 6.32 -37.21 -7.04
C GLY B 361 6.29 -35.70 -7.17
N PRO B 362 5.77 -35.17 -8.27
CA PRO B 362 5.73 -33.72 -8.38
C PRO B 362 4.57 -33.18 -7.55
N VAL B 363 4.40 -31.86 -7.58
CA VAL B 363 3.33 -31.19 -6.86
C VAL B 363 2.07 -31.22 -7.68
N ILE B 364 2.17 -30.66 -8.89
CA ILE B 364 1.04 -30.64 -9.81
C ILE B 364 0.98 -31.96 -10.52
N ARG B 365 -0.22 -32.42 -10.84
CA ARG B 365 -0.36 -33.69 -11.54
C ARG B 365 -1.70 -33.74 -12.23
N GLU B 366 -1.69 -33.44 -13.52
CA GLU B 366 -2.90 -33.45 -14.33
C GLU B 366 -3.85 -32.31 -14.00
N GLY B 367 -3.30 -31.12 -13.85
CA GLY B 367 -4.11 -29.93 -13.57
C GLY B 367 -4.70 -29.87 -12.17
N HIS B 368 -4.14 -30.67 -11.29
CA HIS B 368 -4.58 -30.72 -9.91
C HIS B 368 -3.39 -30.78 -8.95
N ILE B 369 -3.63 -30.45 -7.70
CA ILE B 369 -2.61 -30.56 -6.67
C ILE B 369 -3.26 -31.37 -5.57
N GLU B 370 -2.65 -32.51 -5.21
CA GLU B 370 -3.17 -33.38 -4.17
C GLU B 370 -2.51 -33.00 -2.85
N LEU B 371 -3.30 -32.93 -1.78
CA LEU B 371 -2.72 -32.55 -0.51
C LEU B 371 -2.62 -33.65 0.52
N THR B 372 -1.42 -33.75 1.08
CA THR B 372 -1.02 -34.73 2.07
C THR B 372 -1.49 -34.37 3.47
N GLU B 373 -1.21 -35.28 4.41
CA GLU B 373 -1.56 -35.06 5.81
C GLU B 373 -0.27 -34.73 6.59
N GLU B 374 0.80 -34.48 5.85
CA GLU B 374 2.07 -34.13 6.46
C GLU B 374 1.94 -32.76 7.10
N PRO B 375 2.33 -32.64 8.37
CA PRO B 375 2.26 -31.38 9.11
C PRO B 375 2.88 -30.20 8.38
N GLY B 376 2.28 -29.03 8.57
CA GLY B 376 2.75 -27.80 7.96
C GLY B 376 2.96 -27.82 6.45
N LEU B 377 1.90 -27.60 5.67
CA LEU B 377 2.03 -27.58 4.22
C LEU B 377 2.30 -28.97 3.63
N GLY B 378 3.40 -29.57 4.03
CA GLY B 378 3.75 -30.89 3.53
C GLY B 378 4.74 -30.78 2.39
N LEU B 379 5.71 -29.87 2.52
CA LEU B 379 6.71 -29.70 1.49
C LEU B 379 8.05 -29.28 2.07
N GLU B 380 9.10 -29.38 1.25
CA GLU B 380 10.44 -29.02 1.70
C GLU B 380 11.30 -28.32 0.65
N LEU B 381 11.97 -27.27 1.10
CA LEU B 381 12.83 -26.48 0.23
C LEU B 381 14.10 -27.21 -0.18
N ASP B 382 14.19 -27.51 -1.48
CA ASP B 382 15.37 -28.16 -2.04
C ASP B 382 16.42 -27.04 -2.01
N GLU B 383 16.98 -26.81 -0.84
CA GLU B 383 17.99 -25.78 -0.65
C GLU B 383 18.90 -25.65 -1.88
N GLU B 384 19.24 -26.80 -2.47
CA GLU B 384 20.12 -26.83 -3.64
C GLU B 384 19.60 -25.95 -4.76
N ALA B 385 18.56 -26.44 -5.44
CA ALA B 385 17.94 -25.74 -6.55
C ALA B 385 17.73 -24.29 -6.16
N ALA B 386 17.13 -24.12 -4.99
CA ALA B 386 16.84 -22.82 -4.44
C ALA B 386 18.02 -21.88 -4.70
N PHE B 387 19.18 -22.23 -4.15
CA PHE B 387 20.35 -21.39 -4.33
C PHE B 387 20.86 -21.30 -5.77
N GLU B 388 20.66 -22.37 -6.55
CA GLU B 388 21.12 -22.36 -7.94
C GLU B 388 20.43 -21.25 -8.72
N HIS B 389 19.24 -20.88 -8.26
CA HIS B 389 18.46 -19.86 -8.90
C HIS B 389 18.27 -18.60 -8.04
N ARG B 390 19.23 -18.31 -7.17
CA ARG B 390 19.16 -17.12 -6.34
C ARG B 390 19.05 -15.89 -7.22
N HIS B 391 18.84 -14.74 -6.61
CA HIS B 391 18.71 -13.53 -7.40
C HIS B 391 19.83 -12.53 -7.16
N GLU B 392 20.56 -12.20 -8.22
CA GLU B 392 21.66 -11.24 -8.13
C GLU B 392 21.18 -9.79 -8.24
N LYS B 393 20.71 -9.23 -7.11
CA LYS B 393 20.21 -7.86 -7.04
C LYS B 393 19.29 -7.72 -5.83
N GLY B 395 19.99 -5.29 -3.42
CA GLY B 395 20.35 -6.70 -3.37
C GLY B 395 20.06 -7.40 -2.06
N VAL B 396 19.23 -8.44 -2.11
CA VAL B 396 18.88 -9.20 -0.90
C VAL B 396 19.87 -10.33 -0.63
N PRO B 397 20.49 -10.34 0.56
CA PRO B 397 21.44 -11.39 0.91
C PRO B 397 20.70 -12.69 1.17
N PHE B 398 21.28 -13.81 0.75
CA PHE B 398 20.65 -15.13 0.94
C PHE B 398 20.53 -15.38 2.44
N PHE B 399 20.01 -16.56 2.80
CA PHE B 399 19.83 -16.91 4.20
C PHE B 399 21.08 -16.73 5.07
N GLY B 400 22.15 -16.19 4.50
CA GLY B 400 23.37 -15.99 5.25
C GLY B 400 24.59 -15.85 4.35
MG MG C . -2.05 12.05 13.26
MG MG D . -4.12 -10.94 -13.75
#